data_5FBL
#
_entry.id   5FBL
#
_cell.length_a   49.484
_cell.length_b   104.902
_cell.length_c   188.022
_cell.angle_alpha   90.00
_cell.angle_beta   90.00
_cell.angle_gamma   90.00
#
_symmetry.space_group_name_H-M   'P 21 21 21'
#
loop_
_entity.id
_entity.type
_entity.pdbx_description
1 polymer 'Phosphatidylinositol 4-kinase beta,Phosphatidylinositol 4-kinase beta'
2 polymer 'Ras-related protein Rab-11A'
3 non-polymer ~{N}-[2-[[6-chloranyl-3-(4-methoxy-3-morpholin-4-ylsulfonyl-phenyl)-2-methyl-imidazo[1,2-b]pyridazin-8-yl]amino]ethyl]ethanamide
4 non-polymer "5'-GUANOSINE-DIPHOSPHATE-MONOTHIOPHOSPHATE"
#
loop_
_entity_poly.entity_id
_entity_poly.type
_entity_poly.pdbx_seq_one_letter_code
_entity_poly.pdbx_strand_id
1 'polypeptide(L)'
;SWLLRLFESKLFDISMAISYLYNSKEPGVQAYIGNRLFCFRNEDVDFYLPQLLNMYIHMDEDVGDAIKPYIVHRCRQSIN
FSLQCALLLGAYSSDMHISTQRHSRGTKLRKLILSDELKPAHRKRELPSLSPAPDTGLSPSKRTHQRSKSDATASISLSS
NLKRTASNPKVENEDEELSSSTESIDNSFSSPVRLAPEREFIKSLMAIGKRLATLPTKEQKTQRLISELSLLNHKLPARV
WLPTAGFDHHVVRVPHTQAVVLNSKDKAPYLIYVEVLECENFDTTSVPARIPENRRDPEDPSAVALKEPWQEKVRRIREG
SPYGHLPNWRLLSVIVKCGDDLRQELLAFQVLKQLQSIWEQERVPLWIKPYKILVISADSGMIEPVVNAVSIHQVKKQSQ
LSLLDYFLQEHGSYTTEAFLSAQRNFVQSCAGYCLVCYLLQVKDRHNGNILLDAEGHIIHIDFGFILSSSPRNLGFETSA
FKLTTEFVDVMGGLDGDMFNYYKMLMLQGLIAARKHMDKVVQIVEIMQQGSQLPCFHGSSTIRNLKERFHMSMTEEQLQL
LVEQMVDGSMRS
;
A
2 'polypeptide(L)'
;GAMGSMGTRDDEYDYLFKVVLIGDSGVGKSNLLSRFTRNEFNLESKSTIGVEFATRSIQVDGKTIKAQIWDTAGQERYRA
ITSAYYRGAVGALLVYDIAKHLTYENVERWLKELRDHADSNIVIMLVGNKSDLRHLRAVPTDEARAFAEKNGLSFIETSA
LDSTNVEAAFQTILTEIYRIVSQKQMSDRRENDMSPSNNVVPIHVPPTTENKPKVQCCQNI
;
B
#
# COMPACT_ATOMS: atom_id res chain seq x y z
N SER A 1 13.82 -7.51 24.61
CA SER A 1 13.29 -6.15 24.62
C SER A 1 13.86 -5.35 23.45
N TRP A 2 14.92 -5.86 22.85
CA TRP A 2 15.64 -5.12 21.80
C TRP A 2 14.79 -4.95 20.56
N LEU A 3 13.94 -5.92 20.27
CA LEU A 3 13.04 -5.80 19.13
C LEU A 3 11.98 -4.75 19.44
N LEU A 4 11.24 -4.99 20.52
CA LEU A 4 10.23 -4.04 20.99
C LEU A 4 10.80 -2.63 21.15
N ARG A 5 12.09 -2.57 21.47
CA ARG A 5 12.80 -1.31 21.60
C ARG A 5 12.77 -0.54 20.27
N LEU A 6 13.17 -1.23 19.20
CA LEU A 6 13.20 -0.64 17.86
C LEU A 6 11.83 -0.14 17.42
N PHE A 7 10.82 -1.00 17.55
CA PHE A 7 9.44 -0.69 17.16
C PHE A 7 8.85 0.54 17.87
N GLU A 8 9.36 0.84 19.06
CA GLU A 8 8.89 2.00 19.80
C GLU A 8 9.73 3.24 19.56
N SER A 9 10.78 3.08 18.75
CA SER A 9 11.66 4.19 18.43
C SER A 9 11.11 5.03 17.27
N LYS A 10 11.78 6.15 17.01
CA LYS A 10 11.42 7.07 15.94
C LYS A 10 11.63 6.38 14.60
N LEU A 11 12.59 5.46 14.58
CA LEU A 11 12.95 4.67 13.42
C LEU A 11 11.77 3.90 12.81
N PHE A 12 10.70 3.73 13.57
CA PHE A 12 9.58 2.93 13.09
C PHE A 12 8.71 3.70 12.11
N ASP A 13 8.72 3.25 10.86
CA ASP A 13 7.79 3.76 9.85
C ASP A 13 7.03 2.64 9.13
N ILE A 14 6.01 3.03 8.37
CA ILE A 14 5.17 2.09 7.62
C ILE A 14 5.98 1.09 6.81
N SER A 15 7.13 1.52 6.31
CA SER A 15 8.02 0.66 5.55
C SER A 15 8.50 -0.51 6.40
N MET A 16 9.13 -0.18 7.52
CA MET A 16 9.64 -1.18 8.46
C MET A 16 8.55 -2.16 8.88
N ALA A 17 7.38 -1.62 9.20
CA ALA A 17 6.22 -2.43 9.60
C ALA A 17 5.95 -3.53 8.58
N ILE A 18 5.85 -3.15 7.31
CA ILE A 18 5.53 -4.11 6.25
C ILE A 18 6.63 -5.14 6.12
N SER A 19 7.87 -4.70 6.27
CA SER A 19 9.03 -5.59 6.14
C SER A 19 8.97 -6.71 7.16
N TYR A 20 8.73 -6.35 8.42
CA TYR A 20 8.65 -7.33 9.50
C TYR A 20 7.42 -8.21 9.33
N LEU A 21 6.29 -7.58 8.99
CA LEU A 21 5.06 -8.31 8.72
C LEU A 21 5.30 -9.35 7.62
N TYR A 22 6.08 -8.98 6.61
CA TYR A 22 6.30 -9.85 5.47
C TYR A 22 7.24 -10.99 5.85
N ASN A 23 8.21 -10.69 6.71
CA ASN A 23 9.29 -11.64 6.98
C ASN A 23 9.12 -12.40 8.28
N SER A 24 8.80 -11.68 9.35
CA SER A 24 8.65 -12.29 10.67
C SER A 24 7.64 -13.43 10.69
N LYS A 25 8.03 -14.54 11.30
CA LYS A 25 7.13 -15.68 11.49
C LYS A 25 6.56 -15.67 12.90
N GLU A 26 6.93 -14.68 13.70
CA GLU A 26 6.46 -14.60 15.07
C GLU A 26 5.08 -13.97 15.07
N PRO A 27 4.07 -14.74 15.52
CA PRO A 27 2.68 -14.24 15.53
C PRO A 27 2.47 -13.08 16.51
N GLY A 28 3.34 -12.97 17.51
CA GLY A 28 3.20 -11.90 18.47
C GLY A 28 3.57 -10.58 17.84
N VAL A 29 4.50 -10.65 16.89
CA VAL A 29 4.97 -9.46 16.18
C VAL A 29 3.95 -9.07 15.11
N GLN A 30 3.51 -10.08 14.35
CA GLN A 30 2.50 -9.90 13.31
C GLN A 30 1.28 -9.18 13.86
N ALA A 31 0.75 -9.70 14.98
CA ALA A 31 -0.41 -9.11 15.63
C ALA A 31 -0.11 -7.72 16.16
N TYR A 32 1.07 -7.56 16.76
CA TYR A 32 1.51 -6.27 17.25
C TYR A 32 1.56 -5.18 16.19
N ILE A 33 1.97 -5.54 14.98
CA ILE A 33 2.12 -4.56 13.92
C ILE A 33 0.75 -4.23 13.33
N GLY A 34 -0.04 -5.27 13.10
CA GLY A 34 -1.44 -5.11 12.74
C GLY A 34 -2.13 -4.02 13.52
N ASN A 35 -1.87 -3.98 14.82
CA ASN A 35 -2.44 -2.96 15.69
C ASN A 35 -1.77 -1.60 15.52
N ARG A 36 -0.47 -1.61 15.29
CA ARG A 36 0.31 -0.39 15.19
C ARG A 36 0.02 0.39 13.90
N LEU A 37 -0.55 -0.27 12.91
CA LEU A 37 -0.92 0.38 11.66
C LEU A 37 -1.82 1.60 11.87
N PHE A 38 -2.72 1.50 12.84
CA PHE A 38 -3.68 2.55 13.14
C PHE A 38 -3.05 3.90 13.53
N CYS A 39 -1.89 3.86 14.17
CA CYS A 39 -1.21 5.08 14.64
C CYS A 39 -0.64 5.92 13.48
N PHE A 40 -0.38 5.28 12.34
CA PHE A 40 0.27 6.00 11.24
C PHE A 40 -0.72 6.88 10.50
N ARG A 41 -0.19 7.86 9.78
CA ARG A 41 -1.01 8.74 8.97
C ARG A 41 -1.56 7.95 7.80
N ASN A 42 -2.85 8.13 7.55
CA ASN A 42 -3.56 7.43 6.48
C ASN A 42 -2.82 7.46 5.15
N GLU A 43 -2.23 8.61 4.83
CA GLU A 43 -1.56 8.82 3.55
C GLU A 43 -0.35 7.92 3.34
N ASP A 44 0.43 7.71 4.39
CA ASP A 44 1.68 6.97 4.28
C ASP A 44 1.41 5.49 4.02
N VAL A 45 0.40 4.96 4.69
CA VAL A 45 0.06 3.53 4.60
C VAL A 45 -0.63 3.22 3.28
N ASP A 46 -1.45 4.16 2.82
CA ASP A 46 -2.18 4.05 1.56
C ASP A 46 -1.32 3.58 0.38
N PHE A 47 -0.13 4.18 0.27
CA PHE A 47 0.80 3.86 -0.81
C PHE A 47 1.14 2.37 -0.92
N TYR A 48 1.01 1.65 0.20
CA TYR A 48 1.40 0.25 0.25
C TYR A 48 0.20 -0.69 0.21
N LEU A 49 -0.98 -0.14 -0.09
CA LEU A 49 -2.22 -0.91 -0.10
C LEU A 49 -2.16 -2.15 -0.98
N PRO A 50 -1.47 -2.05 -2.15
CA PRO A 50 -1.43 -3.24 -3.01
C PRO A 50 -0.64 -4.37 -2.37
N GLN A 51 0.38 -4.03 -1.58
CA GLN A 51 1.22 -5.05 -0.95
C GLN A 51 0.44 -5.73 0.16
N LEU A 52 -0.10 -4.92 1.07
CA LEU A 52 -0.94 -5.39 2.17
C LEU A 52 -2.04 -6.34 1.71
N LEU A 53 -2.82 -5.93 0.73
CA LEU A 53 -3.93 -6.73 0.22
C LEU A 53 -3.42 -8.00 -0.44
N ASN A 54 -2.23 -7.93 -1.04
CA ASN A 54 -1.62 -9.10 -1.66
C ASN A 54 -1.26 -10.11 -0.58
N MET A 55 -0.60 -9.65 0.47
CA MET A 55 -0.29 -10.46 1.64
C MET A 55 -1.51 -11.18 2.22
N TYR A 56 -2.57 -10.43 2.48
CA TYR A 56 -3.84 -10.99 2.97
C TYR A 56 -4.27 -12.23 2.18
N ILE A 57 -4.23 -12.12 0.86
CA ILE A 57 -4.68 -13.21 0.00
C ILE A 57 -3.74 -14.41 0.05
N HIS A 58 -2.44 -14.15 -0.12
CA HIS A 58 -1.48 -15.21 -0.44
C HIS A 58 -0.65 -15.68 0.74
N MET A 59 -0.82 -15.05 1.90
CA MET A 59 0.00 -15.37 3.06
C MET A 59 -0.76 -16.17 4.11
N ASP A 60 -0.03 -16.64 5.12
CA ASP A 60 -0.63 -17.38 6.24
C ASP A 60 -1.77 -16.63 6.89
N GLU A 61 -2.75 -17.38 7.39
CA GLU A 61 -3.95 -16.80 7.97
C GLU A 61 -3.57 -15.80 9.07
N ASP A 62 -2.59 -16.19 9.87
CA ASP A 62 -2.04 -15.32 10.92
C ASP A 62 -1.75 -13.93 10.41
N VAL A 63 -1.17 -13.85 9.21
CA VAL A 63 -0.75 -12.57 8.64
C VAL A 63 -1.96 -11.74 8.21
N GLY A 64 -2.84 -12.35 7.43
CA GLY A 64 -4.13 -11.76 7.07
C GLY A 64 -4.91 -11.18 8.24
N ASP A 65 -5.07 -11.99 9.29
CA ASP A 65 -5.91 -11.60 10.42
C ASP A 65 -5.36 -10.38 11.15
N ALA A 66 -4.05 -10.17 11.04
CA ALA A 66 -3.43 -9.01 11.65
C ALA A 66 -3.71 -7.76 10.82
N ILE A 67 -3.80 -7.97 9.51
CA ILE A 67 -4.06 -6.87 8.57
C ILE A 67 -5.54 -6.47 8.50
N LYS A 68 -6.42 -7.46 8.58
CA LYS A 68 -7.84 -7.26 8.28
C LYS A 68 -8.50 -6.13 9.07
N PRO A 69 -8.34 -6.15 10.41
CA PRO A 69 -8.99 -5.16 11.28
C PRO A 69 -8.75 -3.72 10.84
N TYR A 70 -7.50 -3.40 10.50
CA TYR A 70 -7.16 -2.06 10.04
C TYR A 70 -7.89 -1.78 8.74
N ILE A 71 -7.94 -2.78 7.85
CA ILE A 71 -8.57 -2.64 6.55
C ILE A 71 -10.06 -2.33 6.71
N VAL A 72 -10.74 -3.17 7.47
CA VAL A 72 -12.16 -2.99 7.75
C VAL A 72 -12.47 -1.61 8.31
N HIS A 73 -11.66 -1.17 9.27
CA HIS A 73 -11.78 0.18 9.83
C HIS A 73 -11.75 1.26 8.76
N ARG A 74 -10.77 1.19 7.86
CA ARG A 74 -10.64 2.18 6.79
C ARG A 74 -11.83 2.07 5.84
N CYS A 75 -12.17 0.84 5.49
CA CYS A 75 -13.30 0.55 4.62
C CYS A 75 -14.61 1.14 5.14
N ARG A 76 -14.74 1.18 6.46
CA ARG A 76 -15.97 1.68 7.09
C ARG A 76 -16.09 3.20 7.10
N GLN A 77 -14.97 3.90 6.92
CA GLN A 77 -15.00 5.36 7.02
C GLN A 77 -14.83 6.01 5.64
N SER A 78 -14.63 5.19 4.62
CA SER A 78 -14.42 5.69 3.27
C SER A 78 -14.80 4.63 2.23
N ILE A 79 -15.78 4.93 1.39
CA ILE A 79 -16.20 3.99 0.36
C ILE A 79 -15.20 3.98 -0.80
N ASN A 80 -14.54 5.11 -1.01
CA ASN A 80 -13.43 5.17 -1.96
C ASN A 80 -12.43 4.08 -1.60
N PHE A 81 -11.97 4.12 -0.35
CA PHE A 81 -11.07 3.11 0.18
C PHE A 81 -11.68 1.74 -0.04
N SER A 82 -12.96 1.61 0.31
CA SER A 82 -13.71 0.38 0.11
C SER A 82 -13.59 -0.09 -1.34
N LEU A 83 -13.82 0.84 -2.26
CA LEU A 83 -13.83 0.54 -3.69
C LEU A 83 -12.49 -0.04 -4.13
N GLN A 84 -11.41 0.65 -3.77
CA GLN A 84 -10.07 0.29 -4.19
C GLN A 84 -9.67 -1.07 -3.63
N CYS A 85 -10.05 -1.32 -2.38
CA CYS A 85 -9.87 -2.63 -1.76
C CYS A 85 -10.56 -3.73 -2.57
N ALA A 86 -11.84 -3.55 -2.85
CA ALA A 86 -12.64 -4.55 -3.54
C ALA A 86 -12.08 -4.86 -4.93
N LEU A 87 -11.71 -3.81 -5.65
CA LEU A 87 -11.14 -3.94 -6.99
C LEU A 87 -9.81 -4.71 -6.98
N LEU A 88 -8.94 -4.34 -6.05
CA LEU A 88 -7.65 -5.01 -5.89
C LEU A 88 -7.76 -6.47 -5.45
N LEU A 89 -8.62 -6.73 -4.46
CA LEU A 89 -8.87 -8.09 -4.00
C LEU A 89 -9.22 -9.06 -5.14
N GLY A 90 -10.11 -8.63 -6.03
CA GLY A 90 -10.54 -9.46 -7.15
C GLY A 90 -9.46 -9.72 -8.19
N ALA A 91 -8.81 -8.65 -8.62
CA ALA A 91 -7.78 -8.69 -9.67
C ALA A 91 -6.60 -9.60 -9.35
N TYR A 92 -6.20 -9.65 -8.09
CA TYR A 92 -5.00 -10.37 -7.65
C TYR A 92 -5.22 -11.82 -7.24
N SER A 93 -6.31 -12.44 -7.69
CA SER A 93 -6.51 -13.86 -7.43
C SER A 93 -7.17 -14.58 -8.59
N SER A 94 -6.33 -15.21 -9.41
CA SER A 94 -6.79 -16.00 -10.56
C SER A 94 -5.75 -17.06 -10.92
N ARG A 105 -10.50 -17.61 0.05
CA ARG A 105 -9.71 -16.69 0.86
C ARG A 105 -9.84 -15.23 0.42
N GLY A 106 -9.66 -14.96 -0.87
CA GLY A 106 -9.83 -13.61 -1.39
C GLY A 106 -11.28 -13.19 -1.30
N THR A 107 -12.15 -14.06 -1.78
CA THR A 107 -13.56 -13.75 -2.04
C THR A 107 -14.31 -13.28 -0.79
N LYS A 108 -14.09 -13.98 0.32
CA LYS A 108 -14.75 -13.65 1.59
C LYS A 108 -14.61 -12.19 2.04
N LEU A 109 -13.42 -11.61 1.94
CA LEU A 109 -13.25 -10.26 2.46
C LEU A 109 -13.82 -9.28 1.44
N ARG A 110 -13.61 -9.59 0.16
CA ARG A 110 -14.13 -8.79 -0.93
C ARG A 110 -15.65 -8.64 -0.87
N LYS A 111 -16.31 -9.79 -0.77
CA LYS A 111 -17.77 -9.87 -0.64
C LYS A 111 -18.26 -9.10 0.57
N LEU A 112 -17.51 -9.19 1.67
CA LEU A 112 -17.85 -8.50 2.90
C LEU A 112 -17.75 -6.99 2.74
N ILE A 113 -16.78 -6.53 1.95
CA ILE A 113 -16.63 -5.10 1.70
C ILE A 113 -17.72 -4.57 0.78
N LEU A 114 -17.97 -5.31 -0.31
CA LEU A 114 -19.05 -4.97 -1.23
C LEU A 114 -20.39 -5.01 -0.53
N SER A 115 -20.51 -5.90 0.45
CA SER A 115 -21.66 -5.93 1.35
C SER A 115 -21.61 -4.77 2.34
N ARG A 194 -25.05 -0.23 -2.28
CA ARG A 194 -23.86 0.08 -1.50
C ARG A 194 -22.72 0.72 -2.29
N LEU A 195 -22.20 -0.01 -3.27
CA LEU A 195 -21.28 0.55 -4.25
C LEU A 195 -21.83 0.45 -5.67
N ALA A 196 -23.08 0.00 -5.78
CA ALA A 196 -23.69 -0.31 -7.07
C ALA A 196 -23.66 0.86 -8.07
N PRO A 197 -24.00 2.08 -7.62
CA PRO A 197 -23.95 3.26 -8.52
C PRO A 197 -22.59 3.39 -9.20
N GLU A 198 -21.53 3.32 -8.41
CA GLU A 198 -20.16 3.44 -8.91
C GLU A 198 -19.80 2.28 -9.81
N ARG A 199 -20.12 1.08 -9.34
CA ARG A 199 -19.80 -0.16 -10.04
C ARG A 199 -20.51 -0.22 -11.39
N GLU A 200 -21.69 0.41 -11.48
CA GLU A 200 -22.41 0.45 -12.75
C GLU A 200 -21.77 1.48 -13.68
N PHE A 201 -21.38 2.62 -13.11
CA PHE A 201 -20.62 3.63 -13.83
C PHE A 201 -19.39 3.03 -14.49
N ILE A 202 -18.67 2.21 -13.72
CA ILE A 202 -17.43 1.61 -14.19
C ILE A 202 -17.72 0.50 -15.22
N LYS A 203 -18.75 -0.29 -14.94
CA LYS A 203 -19.18 -1.34 -15.85
C LYS A 203 -19.52 -0.79 -17.23
N SER A 204 -20.23 0.32 -17.27
CA SER A 204 -20.65 0.94 -18.53
C SER A 204 -19.45 1.41 -19.34
N LEU A 205 -18.51 2.09 -18.67
CA LEU A 205 -17.26 2.52 -19.31
C LEU A 205 -16.52 1.35 -19.96
N MET A 206 -16.41 0.25 -19.24
CA MET A 206 -15.79 -0.96 -19.77
C MET A 206 -16.59 -1.50 -20.94
N ALA A 207 -17.91 -1.50 -20.79
CA ALA A 207 -18.81 -2.05 -21.80
C ALA A 207 -18.67 -1.29 -23.11
N ILE A 208 -18.67 0.03 -23.02
CA ILE A 208 -18.41 0.91 -24.15
C ILE A 208 -17.17 0.49 -24.94
N GLY A 209 -16.03 0.42 -24.25
CA GLY A 209 -14.77 0.09 -24.88
C GLY A 209 -14.76 -1.21 -25.68
N LYS A 210 -15.43 -2.23 -25.15
CA LYS A 210 -15.47 -3.54 -25.80
C LYS A 210 -16.23 -3.53 -27.12
N ARG A 211 -17.24 -2.68 -27.23
CA ARG A 211 -18.04 -2.62 -28.44
C ARG A 211 -17.25 -2.06 -29.61
N LEU A 212 -16.40 -1.07 -29.34
CA LEU A 212 -15.59 -0.44 -30.39
C LEU A 212 -14.68 -1.43 -31.11
N ALA A 213 -14.56 -2.64 -30.57
CA ALA A 213 -13.72 -3.68 -31.14
C ALA A 213 -14.12 -4.06 -32.57
N THR A 214 -15.43 -3.97 -32.85
CA THR A 214 -15.94 -4.30 -34.18
C THR A 214 -15.64 -3.22 -35.22
N LEU A 215 -15.20 -2.06 -34.78
CA LEU A 215 -14.84 -0.97 -35.69
C LEU A 215 -13.33 -0.88 -35.90
N PRO A 216 -12.87 -1.29 -37.10
CA PRO A 216 -11.46 -1.54 -37.41
C PRO A 216 -10.58 -0.30 -37.59
N THR A 217 -11.16 0.90 -37.63
CA THR A 217 -10.33 2.11 -37.74
C THR A 217 -10.49 3.05 -36.54
N LYS A 218 -9.41 3.74 -36.22
CA LYS A 218 -9.37 4.72 -35.14
C LYS A 218 -10.51 5.73 -35.22
N GLU A 219 -10.62 6.39 -36.37
CA GLU A 219 -11.63 7.43 -36.61
C GLU A 219 -13.07 6.93 -36.44
N GLN A 220 -13.35 5.73 -36.92
CA GLN A 220 -14.68 5.11 -36.77
C GLN A 220 -15.05 4.87 -35.32
N LYS A 221 -14.08 4.41 -34.53
CA LYS A 221 -14.27 4.15 -33.11
C LYS A 221 -14.71 5.39 -32.35
N THR A 222 -13.98 6.48 -32.55
CA THR A 222 -14.27 7.77 -31.93
C THR A 222 -15.72 8.24 -32.03
N GLN A 223 -16.31 8.17 -33.21
CA GLN A 223 -17.71 8.55 -33.37
C GLN A 223 -18.68 7.67 -32.60
N ARG A 224 -18.39 6.38 -32.49
CA ARG A 224 -19.28 5.49 -31.74
C ARG A 224 -19.16 5.81 -30.27
N LEU A 225 -17.92 6.12 -29.86
CA LEU A 225 -17.61 6.47 -28.48
C LEU A 225 -18.38 7.71 -28.04
N ILE A 226 -18.24 8.78 -28.83
CA ILE A 226 -18.85 10.08 -28.53
C ILE A 226 -20.35 9.98 -28.32
N SER A 227 -21.03 9.29 -29.23
CA SER A 227 -22.47 9.11 -29.14
C SER A 227 -22.86 8.43 -27.83
N GLU A 228 -22.20 7.30 -27.53
CA GLU A 228 -22.58 6.49 -26.38
C GLU A 228 -22.22 7.15 -25.06
N LEU A 229 -21.16 7.96 -25.06
CA LEU A 229 -20.83 8.75 -23.89
C LEU A 229 -21.94 9.75 -23.61
N SER A 230 -22.57 10.25 -24.68
CA SER A 230 -23.64 11.23 -24.53
C SER A 230 -24.78 10.59 -23.75
N LEU A 231 -24.92 9.28 -23.91
CA LEU A 231 -25.96 8.51 -23.24
C LEU A 231 -25.70 8.42 -21.74
N LEU A 232 -24.44 8.50 -21.37
CA LEU A 232 -24.08 8.47 -19.97
C LEU A 232 -24.68 9.68 -19.32
N ASN A 233 -24.60 10.80 -20.01
CA ASN A 233 -25.04 12.04 -19.42
C ASN A 233 -26.50 11.86 -19.07
N HIS A 234 -27.19 11.04 -19.84
CA HIS A 234 -28.58 10.78 -19.59
C HIS A 234 -28.70 10.18 -18.23
N LYS A 235 -27.75 9.33 -17.87
CA LYS A 235 -27.66 8.93 -16.48
C LYS A 235 -27.29 10.19 -15.75
N LEU A 236 -27.95 10.45 -14.65
CA LEU A 236 -27.99 11.77 -14.09
C LEU A 236 -26.66 11.95 -13.44
N PRO A 237 -26.48 13.16 -12.74
CA PRO A 237 -25.23 13.16 -11.94
C PRO A 237 -25.39 12.07 -10.91
N ALA A 238 -24.44 11.19 -10.83
CA ALA A 238 -24.71 9.90 -10.25
C ALA A 238 -24.10 9.56 -8.90
N ARG A 239 -23.48 10.51 -8.23
CA ARG A 239 -22.78 10.18 -7.00
C ARG A 239 -21.78 9.07 -7.29
N VAL A 240 -21.04 9.22 -8.37
CA VAL A 240 -19.91 8.36 -8.63
C VAL A 240 -18.72 9.24 -8.96
N TRP A 241 -17.54 8.69 -8.80
CA TRP A 241 -16.32 9.50 -8.75
C TRP A 241 -15.20 8.76 -9.46
N LEU A 242 -14.11 9.46 -9.74
CA LEU A 242 -12.94 8.82 -10.32
C LEU A 242 -11.92 8.60 -9.21
N PRO A 243 -11.78 7.34 -8.76
CA PRO A 243 -10.77 6.99 -7.75
C PRO A 243 -9.40 7.49 -8.15
N THR A 244 -9.19 7.65 -9.45
CA THR A 244 -7.93 8.14 -9.98
C THR A 244 -7.77 9.64 -9.70
N ALA A 245 -8.80 10.23 -9.14
CA ALA A 245 -8.82 11.67 -8.85
C ALA A 245 -8.14 11.91 -7.51
N GLY A 246 -7.35 12.97 -7.42
CA GLY A 246 -6.69 13.30 -6.17
C GLY A 246 -7.59 13.49 -4.96
N PHE A 247 -8.89 13.66 -5.19
CA PHE A 247 -9.78 14.12 -4.14
C PHE A 247 -11.13 13.41 -4.19
N ASP A 248 -11.98 13.69 -3.20
CA ASP A 248 -13.33 13.15 -3.19
C ASP A 248 -14.19 14.10 -4.01
N HIS A 249 -15.19 13.57 -4.70
CA HIS A 249 -15.99 14.39 -5.60
C HIS A 249 -17.23 13.66 -6.11
N HIS A 250 -18.10 14.40 -6.79
CA HIS A 250 -19.17 13.78 -7.57
C HIS A 250 -19.00 14.12 -9.04
N VAL A 251 -19.21 13.13 -9.89
CA VAL A 251 -19.27 13.33 -11.34
C VAL A 251 -20.62 13.88 -11.81
N VAL A 252 -20.57 14.96 -12.58
CA VAL A 252 -21.79 15.63 -13.03
C VAL A 252 -22.03 15.47 -14.53
N ARG A 253 -20.97 15.48 -15.33
CA ARG A 253 -21.11 15.59 -16.78
C ARG A 253 -19.92 15.06 -17.55
N VAL A 254 -20.20 14.43 -18.69
CA VAL A 254 -19.15 13.96 -19.60
C VAL A 254 -19.21 14.72 -20.92
N PRO A 255 -18.22 15.59 -21.18
CA PRO A 255 -18.15 16.29 -22.47
C PRO A 255 -17.75 15.36 -23.60
N HIS A 256 -18.68 14.50 -24.01
CA HIS A 256 -18.41 13.44 -24.97
C HIS A 256 -17.74 13.87 -26.27
N THR A 257 -18.09 15.05 -26.78
CA THR A 257 -17.48 15.54 -28.03
C THR A 257 -15.96 15.71 -27.97
N GLN A 258 -15.41 15.85 -26.77
CA GLN A 258 -13.98 16.09 -26.63
C GLN A 258 -13.19 14.79 -26.52
N ALA A 259 -13.87 13.70 -26.23
CA ALA A 259 -13.24 12.39 -26.08
C ALA A 259 -12.66 11.87 -27.40
N VAL A 260 -11.57 11.13 -27.31
CA VAL A 260 -10.89 10.61 -28.49
C VAL A 260 -10.30 9.23 -28.24
N VAL A 261 -10.23 8.42 -29.29
CA VAL A 261 -9.66 7.07 -29.20
C VAL A 261 -8.23 7.14 -29.73
N LEU A 262 -7.32 6.42 -29.08
CA LEU A 262 -5.90 6.67 -29.27
C LEU A 262 -5.23 5.79 -30.34
N ASN A 263 -5.80 4.61 -30.61
CA ASN A 263 -5.31 3.81 -31.73
C ASN A 263 -6.37 2.91 -32.40
N SER A 264 -5.94 2.23 -33.45
CA SER A 264 -6.83 1.37 -34.25
C SER A 264 -6.83 -0.10 -33.84
N LYS A 265 -6.17 -0.42 -32.72
CA LYS A 265 -6.03 -1.81 -32.30
C LYS A 265 -7.36 -2.45 -31.87
N ASP A 266 -7.33 -3.78 -31.77
CA ASP A 266 -8.49 -4.62 -31.49
C ASP A 266 -9.19 -4.18 -30.20
N LYS A 267 -8.40 -4.04 -29.13
CA LYS A 267 -8.92 -3.54 -27.86
C LYS A 267 -8.30 -2.19 -27.51
N ALA A 268 -8.58 -1.22 -28.37
CA ALA A 268 -7.97 0.10 -28.26
C ALA A 268 -8.39 0.81 -26.98
N PRO A 269 -7.44 1.50 -26.34
CA PRO A 269 -7.75 2.34 -25.19
C PRO A 269 -8.32 3.67 -25.65
N TYR A 270 -9.08 4.35 -24.79
CA TYR A 270 -9.67 5.63 -25.17
C TYR A 270 -9.64 6.65 -24.06
N LEU A 271 -9.43 7.91 -24.44
CA LEU A 271 -9.27 9.00 -23.49
C LEU A 271 -10.58 9.75 -23.40
N ILE A 272 -11.01 10.07 -22.18
CA ILE A 272 -12.22 10.85 -21.99
C ILE A 272 -12.02 11.97 -20.98
N TYR A 273 -12.80 13.04 -21.14
CA TYR A 273 -12.83 14.10 -20.15
C TYR A 273 -14.09 14.01 -19.32
N VAL A 274 -13.96 14.26 -18.02
CA VAL A 274 -15.07 14.13 -17.08
C VAL A 274 -15.21 15.39 -16.24
N GLU A 275 -16.45 15.83 -16.05
CA GLU A 275 -16.70 16.99 -15.19
C GLU A 275 -17.09 16.50 -13.80
N VAL A 276 -16.63 17.20 -12.78
CA VAL A 276 -16.89 16.80 -11.41
C VAL A 276 -17.11 18.00 -10.50
N LEU A 277 -17.83 17.79 -9.41
CA LEU A 277 -17.94 18.79 -8.36
C LEU A 277 -17.23 18.35 -7.08
N GLU A 278 -16.24 19.12 -6.68
CA GLU A 278 -15.37 18.78 -5.55
C GLU A 278 -16.18 18.64 -4.27
N CYS A 279 -15.76 17.74 -3.38
CA CYS A 279 -16.39 17.64 -2.07
C CYS A 279 -15.47 18.08 -0.94
N GLU A 280 -16.04 18.32 0.24
CA GLU A 280 -15.27 18.34 1.48
C GLU A 280 -15.21 16.96 2.12
N ASN A 281 -16.29 16.21 2.01
CA ASN A 281 -16.27 14.77 2.27
C ASN A 281 -17.34 14.08 1.43
N PHE A 282 -16.95 13.04 0.70
CA PHE A 282 -17.90 12.32 -0.13
C PHE A 282 -18.98 11.62 0.70
N ASP A 283 -18.61 11.12 1.86
CA ASP A 283 -19.45 10.18 2.60
C ASP A 283 -20.67 10.85 3.21
N THR A 284 -20.65 12.18 3.28
CA THR A 284 -21.69 12.93 3.96
C THR A 284 -22.43 13.94 3.09
N THR A 285 -22.22 13.89 1.78
CA THR A 285 -22.64 15.03 0.95
C THR A 285 -23.59 14.62 -0.17
N SER A 286 -24.64 15.43 -0.32
CA SER A 286 -25.70 15.17 -1.29
C SER A 286 -25.19 15.20 -2.72
N VAL A 287 -25.65 14.26 -3.54
CA VAL A 287 -25.27 14.25 -4.95
C VAL A 287 -25.83 15.54 -5.55
N PRO A 288 -25.03 16.23 -6.38
CA PRO A 288 -25.57 17.49 -6.90
C PRO A 288 -26.79 17.28 -7.78
N ALA A 289 -27.49 18.38 -8.09
CA ALA A 289 -28.71 18.31 -8.87
C ALA A 289 -28.41 18.49 -10.34
N ARG A 290 -29.20 17.85 -11.21
CA ARG A 290 -28.98 17.98 -12.63
C ARG A 290 -29.18 19.42 -13.07
N ILE A 291 -28.39 19.85 -14.05
CA ILE A 291 -28.58 21.13 -14.67
C ILE A 291 -28.73 20.99 -16.18
N PRO A 292 -29.88 21.43 -16.70
CA PRO A 292 -30.43 20.98 -18.00
C PRO A 292 -29.64 21.48 -19.18
N GLU A 293 -29.29 20.58 -20.09
CA GLU A 293 -28.70 20.93 -21.36
C GLU A 293 -29.63 21.76 -22.23
N ASN A 294 -29.21 23.00 -22.52
CA ASN A 294 -29.70 23.71 -23.69
C ASN A 294 -29.48 22.99 -25.01
N VAL A 304 -16.57 21.09 -30.36
CA VAL A 304 -15.54 20.83 -31.36
C VAL A 304 -14.23 20.42 -30.69
N ALA A 305 -13.56 19.44 -31.28
CA ALA A 305 -12.33 18.87 -30.70
C ALA A 305 -11.11 19.12 -31.59
N LEU A 306 -10.09 19.75 -31.03
CA LEU A 306 -8.83 19.92 -31.74
C LEU A 306 -7.60 19.88 -30.84
N LYS A 307 -6.44 19.74 -31.48
CA LYS A 307 -5.15 19.77 -30.81
C LYS A 307 -4.92 21.11 -30.10
N GLU A 308 -4.94 21.09 -28.77
CA GLU A 308 -4.78 22.31 -28.00
C GLU A 308 -4.23 22.04 -26.60
N PRO A 309 -3.49 23.01 -26.03
CA PRO A 309 -3.03 22.94 -24.64
C PRO A 309 -4.16 22.62 -23.67
N TRP A 310 -3.79 22.19 -22.46
CA TRP A 310 -4.78 21.68 -21.51
C TRP A 310 -5.74 22.77 -20.99
N GLN A 311 -5.21 23.94 -20.66
CA GLN A 311 -6.00 25.03 -20.08
C GLN A 311 -6.95 25.65 -21.09
N GLU A 312 -6.57 25.63 -22.37
CA GLU A 312 -7.43 26.08 -23.46
C GLU A 312 -8.59 25.11 -23.62
N LYS A 313 -8.35 23.85 -23.31
CA LYS A 313 -9.36 22.81 -23.41
C LYS A 313 -10.34 22.97 -22.25
N VAL A 314 -9.84 23.41 -21.10
CA VAL A 314 -10.71 23.66 -19.96
C VAL A 314 -11.64 24.83 -20.30
N ARG A 315 -11.06 25.88 -20.87
CA ARG A 315 -11.81 27.05 -21.34
C ARG A 315 -12.98 26.63 -22.23
N ARG A 316 -12.64 25.92 -23.29
CA ARG A 316 -13.57 25.47 -24.32
C ARG A 316 -14.71 24.63 -23.72
N ILE A 317 -14.35 23.71 -22.84
CA ILE A 317 -15.30 22.80 -22.21
C ILE A 317 -16.18 23.57 -21.22
N ARG A 318 -15.56 24.47 -20.47
CA ARG A 318 -16.22 25.24 -19.43
C ARG A 318 -17.35 26.10 -19.99
N GLU A 319 -17.05 26.90 -21.00
CA GLU A 319 -18.03 27.80 -21.61
C GLU A 319 -19.30 27.09 -22.09
N GLY A 320 -19.15 25.88 -22.61
CA GLY A 320 -20.31 25.10 -23.01
C GLY A 320 -21.10 24.36 -21.93
N SER A 321 -20.50 24.18 -20.75
CA SER A 321 -21.12 23.30 -19.76
C SER A 321 -22.15 24.02 -18.89
N PRO A 322 -23.28 23.33 -18.63
CA PRO A 322 -24.33 23.70 -17.66
C PRO A 322 -23.78 24.04 -16.29
N TYR A 323 -22.86 23.20 -15.82
CA TYR A 323 -22.32 23.28 -14.46
C TYR A 323 -21.13 24.23 -14.34
N GLY A 324 -20.69 24.78 -15.47
CA GLY A 324 -19.42 25.49 -15.53
C GLY A 324 -19.29 26.71 -14.65
N HIS A 325 -20.43 27.37 -14.37
CA HIS A 325 -20.43 28.56 -13.53
C HIS A 325 -20.02 28.32 -12.08
N LEU A 326 -20.30 27.13 -11.55
CA LEU A 326 -19.99 26.85 -10.14
C LEU A 326 -18.49 26.87 -9.85
N PRO A 327 -18.11 27.36 -8.66
CA PRO A 327 -16.71 27.38 -8.25
C PRO A 327 -16.24 25.97 -7.86
N ASN A 328 -17.22 25.12 -7.55
CA ASN A 328 -16.97 23.76 -7.11
C ASN A 328 -16.46 22.87 -8.24
N TRP A 329 -16.47 23.41 -9.45
CA TRP A 329 -16.38 22.60 -10.66
C TRP A 329 -14.94 22.46 -11.11
N ARG A 330 -14.58 21.22 -11.45
CA ARG A 330 -13.26 20.90 -11.98
C ARG A 330 -13.34 19.83 -13.06
N LEU A 331 -12.34 19.82 -13.93
CA LEU A 331 -12.29 18.88 -15.03
C LEU A 331 -11.23 17.81 -14.82
N LEU A 332 -11.63 16.55 -14.92
CA LEU A 332 -10.68 15.46 -14.80
C LEU A 332 -10.56 14.75 -16.13
N SER A 333 -9.65 13.78 -16.19
CA SER A 333 -9.41 13.02 -17.42
C SER A 333 -8.91 11.63 -17.04
N VAL A 334 -9.39 10.62 -17.75
CA VAL A 334 -8.84 9.28 -17.61
C VAL A 334 -8.77 8.54 -18.93
N ILE A 335 -7.76 7.69 -19.06
CA ILE A 335 -7.69 6.76 -20.17
C ILE A 335 -8.31 5.44 -19.74
N VAL A 336 -9.15 4.88 -20.60
CA VAL A 336 -9.83 3.63 -20.27
C VAL A 336 -9.27 2.46 -21.07
N LYS A 337 -8.70 1.50 -20.35
CA LYS A 337 -8.16 0.29 -20.97
C LYS A 337 -9.02 -0.91 -20.61
N CYS A 338 -9.81 -1.37 -21.58
CA CYS A 338 -10.79 -2.43 -21.34
C CYS A 338 -10.18 -3.83 -21.40
N GLY A 339 -9.11 -3.99 -22.17
CA GLY A 339 -8.50 -5.30 -22.31
C GLY A 339 -7.03 -5.45 -21.99
N ASP A 340 -6.48 -4.54 -21.18
CA ASP A 340 -5.07 -4.60 -20.84
C ASP A 340 -4.87 -4.73 -19.32
N ASP A 341 -3.98 -5.62 -18.92
CA ASP A 341 -3.69 -5.81 -17.50
C ASP A 341 -2.87 -4.63 -17.00
N LEU A 342 -3.19 -4.11 -15.83
CA LEU A 342 -2.47 -2.96 -15.30
C LEU A 342 -1.78 -3.24 -13.97
N ARG A 343 -1.58 -4.52 -13.64
CA ARG A 343 -1.04 -4.87 -12.33
C ARG A 343 0.46 -4.64 -12.34
N GLN A 344 1.08 -4.97 -13.47
CA GLN A 344 2.49 -4.63 -13.69
C GLN A 344 2.64 -3.11 -13.77
N GLU A 345 1.66 -2.46 -14.37
CA GLU A 345 1.68 -1.01 -14.56
C GLU A 345 1.67 -0.30 -13.22
N LEU A 346 0.85 -0.81 -12.31
CA LEU A 346 0.75 -0.35 -10.93
C LEU A 346 2.07 -0.56 -10.19
N LEU A 347 2.67 -1.73 -10.36
CA LEU A 347 3.94 -2.03 -9.71
C LEU A 347 5.00 -1.01 -10.14
N ALA A 348 5.05 -0.72 -11.43
CA ALA A 348 6.04 0.22 -11.96
C ALA A 348 5.77 1.60 -11.34
N PHE A 349 4.48 1.91 -11.15
CA PHE A 349 4.07 3.20 -10.63
C PHE A 349 4.64 3.41 -9.24
N GLN A 350 4.48 2.39 -8.40
CA GLN A 350 5.01 2.42 -7.03
C GLN A 350 6.52 2.61 -7.05
N VAL A 351 7.18 1.88 -7.94
CA VAL A 351 8.64 1.96 -8.06
C VAL A 351 9.03 3.37 -8.50
N LEU A 352 8.27 3.93 -9.45
CA LEU A 352 8.58 5.24 -9.97
C LEU A 352 8.37 6.26 -8.85
N LYS A 353 7.33 6.03 -8.06
CA LYS A 353 6.97 6.94 -6.98
C LYS A 353 8.00 6.92 -5.87
N GLN A 354 8.45 5.72 -5.51
CA GLN A 354 9.52 5.56 -4.53
C GLN A 354 10.83 6.22 -4.98
N LEU A 355 11.23 5.91 -6.21
CA LEU A 355 12.47 6.45 -6.75
C LEU A 355 12.41 7.96 -6.80
N GLN A 356 11.20 8.48 -7.03
CA GLN A 356 10.97 9.92 -7.10
C GLN A 356 11.21 10.53 -5.73
N SER A 357 10.67 9.88 -4.71
CA SER A 357 10.86 10.29 -3.33
C SER A 357 12.32 10.19 -2.88
N ILE A 358 12.97 9.08 -3.23
CA ILE A 358 14.38 8.90 -2.90
C ILE A 358 15.23 10.04 -3.43
N TRP A 359 15.05 10.37 -4.71
CA TRP A 359 15.87 11.40 -5.33
C TRP A 359 15.44 12.76 -4.78
N GLU A 360 14.19 12.83 -4.33
CA GLU A 360 13.65 13.99 -3.65
C GLU A 360 14.24 14.13 -2.24
N GLN A 361 14.31 13.02 -1.52
CA GLN A 361 14.84 13.00 -0.15
C GLN A 361 16.30 13.42 -0.11
N GLU A 362 17.14 12.73 -0.88
CA GLU A 362 18.46 13.23 -1.23
C GLU A 362 18.24 14.43 -2.13
N ARG A 363 19.28 15.14 -2.53
CA ARG A 363 19.00 16.36 -3.29
C ARG A 363 19.61 16.32 -4.68
N VAL A 364 19.06 15.41 -5.46
CA VAL A 364 19.51 15.09 -6.81
C VAL A 364 18.38 15.55 -7.71
N PRO A 365 18.63 16.51 -8.60
CA PRO A 365 17.51 17.10 -9.34
C PRO A 365 17.12 16.35 -10.61
N LEU A 366 17.13 15.02 -10.54
CA LEU A 366 16.49 14.20 -11.57
C LEU A 366 14.99 14.48 -11.62
N TRP A 367 14.37 14.19 -12.76
CA TRP A 367 12.94 14.41 -12.93
C TRP A 367 12.29 13.19 -13.57
N ILE A 368 11.20 12.71 -12.97
CA ILE A 368 10.38 11.67 -13.58
C ILE A 368 8.91 11.89 -13.23
N LYS A 369 8.03 11.20 -13.93
CA LYS A 369 6.60 11.40 -13.74
C LYS A 369 5.83 10.10 -13.69
N PRO A 370 5.52 9.63 -12.47
CA PRO A 370 4.58 8.55 -12.25
C PRO A 370 3.17 8.98 -12.63
N TYR A 371 2.44 8.15 -13.36
CA TYR A 371 1.05 8.46 -13.67
C TYR A 371 0.17 7.45 -12.97
N LYS A 372 -0.90 7.96 -12.35
CA LYS A 372 -1.77 7.15 -11.53
C LYS A 372 -2.40 5.98 -12.28
N ILE A 373 -2.61 4.89 -11.56
CA ILE A 373 -3.13 3.66 -12.14
C ILE A 373 -4.34 3.24 -11.31
N LEU A 374 -5.37 2.72 -11.96
CA LEU A 374 -6.47 2.12 -11.23
C LEU A 374 -6.78 0.72 -11.77
N VAL A 375 -6.47 -0.30 -10.96
CA VAL A 375 -6.82 -1.67 -11.31
C VAL A 375 -8.30 -1.93 -11.07
N ILE A 376 -8.99 -2.45 -12.09
CA ILE A 376 -10.41 -2.75 -11.95
C ILE A 376 -10.60 -4.26 -12.02
N SER A 377 -9.84 -4.89 -12.93
CA SER A 377 -9.75 -6.33 -13.04
C SER A 377 -8.36 -6.70 -13.52
N ALA A 378 -8.09 -7.98 -13.67
CA ALA A 378 -6.85 -8.42 -14.28
C ALA A 378 -6.92 -8.10 -15.77
N ASP A 379 -8.16 -8.03 -16.27
CA ASP A 379 -8.46 -7.56 -17.61
C ASP A 379 -8.28 -6.05 -17.84
N SER A 380 -8.78 -5.23 -16.91
CA SER A 380 -9.07 -3.83 -17.22
C SER A 380 -8.70 -2.83 -16.13
N GLY A 381 -8.43 -1.59 -16.54
CA GLY A 381 -8.00 -0.53 -15.64
C GLY A 381 -8.20 0.86 -16.21
N MET A 382 -7.92 1.88 -15.42
CA MET A 382 -7.89 3.26 -15.91
C MET A 382 -6.55 3.94 -15.63
N ILE A 383 -6.23 4.96 -16.42
CA ILE A 383 -5.03 5.78 -16.22
C ILE A 383 -5.30 7.28 -16.20
N GLU A 384 -4.73 7.98 -15.23
CA GLU A 384 -4.75 9.44 -15.23
C GLU A 384 -3.63 9.92 -16.16
N PRO A 385 -4.02 10.59 -17.25
CA PRO A 385 -3.05 10.96 -18.28
C PRO A 385 -2.25 12.21 -17.95
N VAL A 386 -1.05 12.30 -18.49
CA VAL A 386 -0.27 13.53 -18.46
C VAL A 386 -0.83 14.49 -19.50
N VAL A 387 -1.17 15.71 -19.08
CA VAL A 387 -1.59 16.72 -20.02
C VAL A 387 -0.41 17.53 -20.58
N ASN A 388 -0.67 18.25 -21.66
CA ASN A 388 0.35 19.01 -22.36
C ASN A 388 1.51 18.14 -22.81
N ALA A 389 1.20 16.98 -23.40
CA ALA A 389 2.25 16.09 -23.89
C ALA A 389 1.82 15.25 -25.08
N VAL A 390 2.75 15.02 -25.99
CA VAL A 390 2.51 14.14 -27.14
C VAL A 390 3.78 13.36 -27.50
N SER A 391 3.59 12.21 -28.13
CA SER A 391 4.67 11.29 -28.44
C SER A 391 5.74 11.96 -29.30
N ILE A 392 6.99 11.57 -29.08
CA ILE A 392 8.10 12.07 -29.89
C ILE A 392 7.81 11.76 -31.35
N HIS A 393 7.31 10.54 -31.59
CA HIS A 393 7.09 10.06 -32.95
C HIS A 393 6.12 10.99 -33.69
N GLN A 394 5.03 11.35 -33.01
CA GLN A 394 4.01 12.17 -33.65
C GLN A 394 4.45 13.62 -33.66
N VAL A 395 5.23 14.01 -32.66
CA VAL A 395 5.90 15.30 -32.63
C VAL A 395 6.77 15.50 -33.87
N LYS A 396 7.36 14.41 -34.34
CA LYS A 396 8.22 14.39 -35.51
C LYS A 396 7.46 14.29 -36.84
N LYS A 397 6.23 13.78 -36.78
CA LYS A 397 5.41 13.64 -37.98
C LYS A 397 4.64 14.92 -38.30
N GLN A 398 4.21 15.63 -37.27
CA GLN A 398 3.58 16.93 -37.47
C GLN A 398 4.58 18.08 -37.69
N SER A 399 5.69 18.05 -36.96
CA SER A 399 6.71 19.10 -37.11
C SER A 399 7.55 18.94 -38.37
N GLN A 400 7.83 17.70 -38.76
CA GLN A 400 8.80 17.41 -39.81
C GLN A 400 10.21 17.81 -39.38
N LEU A 401 10.40 18.02 -38.08
CA LEU A 401 11.68 18.45 -37.57
C LEU A 401 12.48 17.33 -36.90
N SER A 402 13.76 17.61 -36.68
CA SER A 402 14.59 16.84 -35.78
C SER A 402 14.27 17.30 -34.36
N LEU A 403 14.43 16.39 -33.40
CA LEU A 403 14.08 16.67 -32.00
C LEU A 403 14.63 18.01 -31.54
N LEU A 404 15.90 18.25 -31.83
CA LEU A 404 16.54 19.52 -31.50
C LEU A 404 15.85 20.71 -32.18
N ASP A 405 15.61 20.59 -33.47
CA ASP A 405 14.92 21.62 -34.25
C ASP A 405 13.53 22.01 -33.71
N TYR A 406 12.77 21.02 -33.28
CA TYR A 406 11.45 21.27 -32.69
C TYR A 406 11.54 22.06 -31.40
N PHE A 407 12.51 21.69 -30.57
CA PHE A 407 12.82 22.42 -29.34
C PHE A 407 13.07 23.89 -29.64
N LEU A 408 13.91 24.14 -30.64
CA LEU A 408 14.27 25.49 -31.05
C LEU A 408 13.06 26.28 -31.54
N GLN A 409 12.19 25.62 -32.30
CA GLN A 409 10.94 26.22 -32.77
C GLN A 409 10.00 26.62 -31.64
N GLU A 410 9.78 25.72 -30.68
CA GLU A 410 8.72 25.88 -29.70
C GLU A 410 9.14 26.73 -28.50
N HIS A 411 10.44 26.88 -28.29
CA HIS A 411 10.92 27.62 -27.13
C HIS A 411 11.80 28.81 -27.51
N GLY A 412 12.68 28.61 -28.49
CA GLY A 412 13.49 29.68 -29.03
C GLY A 412 14.89 29.17 -29.32
N SER A 413 15.81 30.03 -29.78
CA SER A 413 17.16 29.56 -30.05
C SER A 413 17.92 29.22 -28.77
N TYR A 414 19.03 28.49 -28.93
CA TYR A 414 19.87 28.07 -27.81
C TYR A 414 20.37 29.17 -26.85
N THR A 415 20.48 30.40 -27.33
CA THR A 415 20.73 31.55 -26.44
C THR A 415 19.56 32.10 -25.63
N THR A 416 18.37 31.53 -25.77
CA THR A 416 17.23 32.01 -25.02
C THR A 416 17.05 31.22 -23.72
N GLU A 417 16.40 31.83 -22.74
CA GLU A 417 16.09 31.15 -21.48
C GLU A 417 15.13 29.99 -21.70
N ALA A 418 14.02 30.25 -22.39
CA ALA A 418 13.02 29.23 -22.64
C ALA A 418 13.65 27.96 -23.20
N PHE A 419 14.69 28.10 -24.02
CA PHE A 419 15.36 26.94 -24.59
C PHE A 419 16.22 26.25 -23.53
N LEU A 420 17.04 27.03 -22.85
CA LEU A 420 17.99 26.50 -21.88
C LEU A 420 17.24 25.84 -20.75
N SER A 421 16.12 26.44 -20.37
CA SER A 421 15.20 25.83 -19.42
C SER A 421 14.67 24.51 -19.97
N ALA A 422 14.24 24.52 -21.23
CA ALA A 422 13.71 23.31 -21.86
C ALA A 422 14.78 22.24 -22.02
N GLN A 423 16.00 22.67 -22.36
CA GLN A 423 17.13 21.75 -22.51
C GLN A 423 17.44 21.08 -21.17
N ARG A 424 17.46 21.91 -20.13
CA ARG A 424 17.70 21.48 -18.77
C ARG A 424 16.66 20.47 -18.29
N ASN A 425 15.39 20.77 -18.54
CA ASN A 425 14.31 19.85 -18.22
C ASN A 425 14.42 18.53 -18.98
N PHE A 426 14.90 18.61 -20.22
CA PHE A 426 15.18 17.44 -21.03
C PHE A 426 16.26 16.58 -20.35
N VAL A 427 17.39 17.19 -20.04
CA VAL A 427 18.56 16.52 -19.53
C VAL A 427 18.29 15.82 -18.20
N GLN A 428 17.57 16.51 -17.31
CA GLN A 428 17.22 15.97 -16.01
C GLN A 428 16.23 14.80 -16.13
N SER A 429 15.30 14.89 -17.07
CA SER A 429 14.33 13.84 -17.29
C SER A 429 14.94 12.63 -18.00
N CYS A 430 15.96 12.88 -18.81
CA CYS A 430 16.68 11.79 -19.49
C CYS A 430 17.46 10.93 -18.49
N ALA A 431 18.19 11.60 -17.60
CA ALA A 431 18.99 10.89 -16.60
C ALA A 431 18.10 10.08 -15.67
N GLY A 432 17.01 10.70 -15.22
CA GLY A 432 16.02 10.01 -14.41
C GLY A 432 15.53 8.71 -15.06
N TYR A 433 15.02 8.82 -16.29
CA TYR A 433 14.36 7.69 -16.92
C TYR A 433 15.38 6.65 -17.39
N CYS A 434 16.59 7.10 -17.69
CA CYS A 434 17.67 6.17 -18.01
C CYS A 434 17.85 5.24 -16.81
N LEU A 435 17.92 5.83 -15.63
CA LEU A 435 18.18 5.09 -14.40
C LEU A 435 17.03 4.15 -14.10
N VAL A 436 15.80 4.63 -14.29
CA VAL A 436 14.61 3.81 -14.12
C VAL A 436 14.61 2.64 -15.09
N CYS A 437 14.94 2.91 -16.35
CA CYS A 437 15.00 1.88 -17.37
C CYS A 437 16.02 0.80 -17.04
N TYR A 438 17.19 1.21 -16.59
CA TYR A 438 18.25 0.26 -16.25
C TYR A 438 17.87 -0.61 -15.05
N LEU A 439 17.55 0.05 -13.93
CA LEU A 439 17.19 -0.65 -12.71
C LEU A 439 16.02 -1.63 -12.88
N LEU A 440 14.96 -1.19 -13.55
CA LEU A 440 13.83 -2.06 -13.79
C LEU A 440 13.99 -2.90 -15.05
N GLN A 441 15.11 -2.70 -15.75
CA GLN A 441 15.32 -3.31 -17.05
C GLN A 441 14.10 -3.16 -17.94
N VAL A 442 13.71 -1.90 -18.18
CA VAL A 442 12.60 -1.60 -19.07
C VAL A 442 13.03 -1.76 -20.52
N LYS A 443 12.22 -2.48 -21.30
CA LYS A 443 12.56 -2.73 -22.70
C LYS A 443 11.48 -2.19 -23.62
N ASP A 444 11.60 -2.50 -24.92
CA ASP A 444 10.66 -2.00 -25.92
C ASP A 444 10.61 -0.48 -25.87
N ARG A 445 11.79 0.13 -25.84
CA ARG A 445 11.92 1.57 -25.72
C ARG A 445 12.05 2.21 -27.10
N HIS A 446 11.08 3.02 -27.47
CA HIS A 446 11.12 3.74 -28.75
C HIS A 446 10.33 5.04 -28.66
N ASN A 447 10.35 5.83 -29.73
CA ASN A 447 9.81 7.19 -29.65
C ASN A 447 8.29 7.22 -29.63
N GLY A 448 7.67 6.09 -29.93
CA GLY A 448 6.26 5.89 -29.64
C GLY A 448 5.91 5.77 -28.17
N ASN A 449 6.88 5.39 -27.36
CA ASN A 449 6.69 5.19 -25.92
C ASN A 449 7.25 6.32 -25.05
N ILE A 450 7.75 7.37 -25.69
CA ILE A 450 8.26 8.52 -24.95
C ILE A 450 7.51 9.79 -25.32
N LEU A 451 6.92 10.43 -24.32
CA LEU A 451 6.17 11.66 -24.54
C LEU A 451 7.05 12.86 -24.27
N LEU A 452 6.77 13.97 -24.96
CA LEU A 452 7.44 15.24 -24.70
C LEU A 452 6.45 16.31 -24.27
N ASP A 453 6.66 16.87 -23.08
CA ASP A 453 5.76 17.89 -22.57
C ASP A 453 6.18 19.29 -23.01
N ALA A 454 5.32 20.27 -22.79
CA ALA A 454 5.51 21.61 -23.32
C ALA A 454 6.66 22.35 -22.64
N GLU A 455 7.15 21.79 -21.54
CA GLU A 455 8.27 22.40 -20.81
C GLU A 455 9.62 21.73 -21.11
N GLY A 456 9.59 20.62 -21.84
CA GLY A 456 10.81 19.95 -22.26
C GLY A 456 11.19 18.62 -21.64
N HIS A 457 10.42 18.17 -20.66
CA HIS A 457 10.62 16.85 -20.08
C HIS A 457 10.20 15.75 -21.05
N ILE A 458 10.94 14.63 -21.05
CA ILE A 458 10.43 13.43 -21.69
C ILE A 458 9.72 12.56 -20.65
N ILE A 459 8.83 11.69 -21.11
CA ILE A 459 8.09 10.80 -20.23
C ILE A 459 7.88 9.42 -20.83
N HIS A 460 8.47 8.39 -20.23
CA HIS A 460 8.28 7.03 -20.70
C HIS A 460 6.90 6.56 -20.26
N ILE A 461 6.28 5.66 -21.02
CA ILE A 461 4.91 5.26 -20.69
C ILE A 461 4.59 3.77 -20.71
N ASP A 462 5.18 3.00 -21.62
CA ASP A 462 4.74 1.61 -21.74
C ASP A 462 5.66 0.66 -20.97
N PHE A 463 5.27 0.36 -19.74
CA PHE A 463 6.08 -0.45 -18.84
C PHE A 463 5.75 -1.94 -18.91
N GLY A 464 5.33 -2.41 -20.07
CA GLY A 464 5.48 -3.81 -20.40
C GLY A 464 6.93 -4.17 -20.63
N PHE A 465 7.27 -5.45 -20.49
CA PHE A 465 8.64 -5.90 -20.71
C PHE A 465 9.59 -5.27 -19.68
N ILE A 466 9.47 -5.71 -18.43
CA ILE A 466 10.40 -5.28 -17.40
C ILE A 466 10.87 -6.45 -16.55
N LEU A 467 12.02 -6.29 -15.92
CA LEU A 467 12.57 -7.28 -15.01
C LEU A 467 12.80 -8.60 -15.74
N SER A 468 12.24 -9.68 -15.20
CA SER A 468 12.45 -11.02 -15.75
C SER A 468 11.75 -11.23 -17.09
N SER A 469 10.78 -10.38 -17.38
CA SER A 469 9.99 -10.49 -18.60
C SER A 469 10.78 -10.26 -19.88
N SER A 470 10.65 -11.19 -20.83
CA SER A 470 11.31 -11.09 -22.12
C SER A 470 10.38 -11.49 -23.25
N PHE A 481 17.09 1.55 -22.57
CA PHE A 481 17.09 2.97 -22.87
C PHE A 481 18.14 3.34 -23.91
N LYS A 482 17.75 4.20 -24.84
CA LYS A 482 18.58 4.53 -25.98
C LYS A 482 18.95 6.00 -25.96
N LEU A 483 20.24 6.30 -26.14
CA LEU A 483 20.66 7.69 -26.26
C LEU A 483 21.01 7.95 -27.72
N THR A 484 19.97 8.15 -28.53
CA THR A 484 20.13 8.36 -29.95
C THR A 484 20.76 9.72 -30.16
N THR A 485 21.37 9.93 -31.33
CA THR A 485 22.04 11.19 -31.58
C THR A 485 21.04 12.33 -31.66
N GLU A 486 19.80 12.01 -32.03
CA GLU A 486 18.73 13.00 -31.97
C GLU A 486 18.56 13.54 -30.56
N PHE A 487 18.68 12.65 -29.58
CA PHE A 487 18.63 13.04 -28.18
C PHE A 487 19.89 13.76 -27.73
N VAL A 488 21.05 13.27 -28.17
CA VAL A 488 22.33 13.86 -27.82
C VAL A 488 22.49 15.27 -28.40
N ASP A 489 21.87 15.49 -29.57
CA ASP A 489 21.94 16.78 -30.25
C ASP A 489 21.25 17.86 -29.43
N VAL A 490 20.05 17.54 -28.93
CA VAL A 490 19.30 18.45 -28.08
C VAL A 490 20.14 18.82 -26.87
N MET A 491 20.97 17.89 -26.44
CA MET A 491 21.83 18.11 -25.27
C MET A 491 23.05 18.95 -25.64
N GLY A 492 23.21 19.28 -26.92
CA GLY A 492 24.34 20.07 -27.36
C GLY A 492 25.56 19.26 -27.76
N GLY A 493 25.40 17.95 -27.85
CA GLY A 493 26.45 17.09 -28.38
C GLY A 493 27.31 16.48 -27.30
N LEU A 494 28.07 15.45 -27.68
CA LEU A 494 28.80 14.61 -26.72
C LEU A 494 29.84 15.38 -25.93
N ASP A 495 30.43 16.40 -26.57
CA ASP A 495 31.46 17.22 -25.94
C ASP A 495 30.82 18.30 -25.07
N GLY A 496 29.50 18.43 -25.19
CA GLY A 496 28.76 19.49 -24.52
C GLY A 496 28.82 19.41 -23.00
N ASP A 497 28.74 20.59 -22.38
CA ASP A 497 28.67 20.70 -20.92
C ASP A 497 27.39 20.09 -20.37
N MET A 498 26.27 20.35 -21.05
CA MET A 498 24.97 19.84 -20.63
C MET A 498 24.92 18.32 -20.69
N PHE A 499 25.70 17.75 -21.62
CA PHE A 499 25.79 16.30 -21.76
C PHE A 499 26.61 15.70 -20.63
N ASN A 500 27.75 16.32 -20.34
CA ASN A 500 28.55 15.96 -19.17
C ASN A 500 27.67 15.99 -17.91
N TYR A 501 26.77 16.97 -17.84
CA TYR A 501 25.90 17.14 -16.70
C TYR A 501 24.92 15.96 -16.60
N TYR A 502 24.45 15.50 -17.76
CA TYR A 502 23.60 14.32 -17.85
C TYR A 502 24.23 13.08 -17.21
N LYS A 503 25.52 12.89 -17.45
CA LYS A 503 26.27 11.78 -16.87
C LYS A 503 26.46 11.96 -15.36
N MET A 504 26.67 13.20 -14.94
CA MET A 504 26.89 13.52 -13.53
C MET A 504 25.66 13.19 -12.69
N LEU A 505 24.49 13.48 -13.23
CA LEU A 505 23.23 13.26 -12.54
C LEU A 505 22.98 11.77 -12.35
N MET A 506 23.31 10.99 -13.37
CA MET A 506 23.07 9.55 -13.33
C MET A 506 23.85 8.90 -12.20
N LEU A 507 25.13 9.24 -12.08
CA LEU A 507 25.95 8.77 -10.96
C LEU A 507 25.33 9.21 -9.64
N GLN A 508 25.06 10.50 -9.52
CA GLN A 508 24.42 11.06 -8.33
C GLN A 508 23.13 10.32 -7.99
N GLY A 509 22.30 10.10 -9.01
CA GLY A 509 21.02 9.46 -8.83
C GLY A 509 21.20 7.99 -8.49
N LEU A 510 22.33 7.43 -8.89
CA LEU A 510 22.63 6.04 -8.60
C LEU A 510 23.07 5.94 -7.15
N ILE A 511 23.93 6.87 -6.74
CA ILE A 511 24.41 6.93 -5.36
C ILE A 511 23.24 7.12 -4.41
N ALA A 512 22.26 7.91 -4.84
CA ALA A 512 21.07 8.15 -4.05
C ALA A 512 20.26 6.88 -3.91
N ALA A 513 20.07 6.19 -5.03
CA ALA A 513 19.27 4.97 -5.09
C ALA A 513 19.82 3.90 -4.15
N ARG A 514 21.15 3.74 -4.17
CA ARG A 514 21.83 2.79 -3.32
C ARG A 514 21.52 3.02 -1.84
N LYS A 515 21.43 4.29 -1.46
CA LYS A 515 21.16 4.65 -0.06
C LYS A 515 19.75 4.27 0.39
N HIS A 516 18.90 3.86 -0.54
CA HIS A 516 17.51 3.54 -0.22
C HIS A 516 17.02 2.29 -0.94
N MET A 517 17.95 1.45 -1.37
CA MET A 517 17.65 0.25 -2.14
C MET A 517 16.52 -0.60 -1.56
N ASP A 518 16.50 -0.75 -0.24
CA ASP A 518 15.58 -1.68 0.41
C ASP A 518 14.13 -1.25 0.23
N LYS A 519 13.89 0.05 0.23
CA LYS A 519 12.56 0.58 -0.01
C LYS A 519 12.03 0.18 -1.39
N VAL A 520 12.95 0.12 -2.35
CA VAL A 520 12.58 -0.21 -3.73
C VAL A 520 12.33 -1.70 -3.89
N VAL A 521 13.32 -2.50 -3.48
CA VAL A 521 13.25 -3.95 -3.63
C VAL A 521 12.03 -4.49 -2.90
N GLN A 522 11.75 -3.93 -1.72
CA GLN A 522 10.58 -4.30 -0.93
C GLN A 522 9.33 -4.31 -1.80
N ILE A 523 9.13 -3.22 -2.53
CA ILE A 523 7.92 -3.02 -3.34
C ILE A 523 7.79 -4.17 -4.34
N VAL A 524 8.91 -4.51 -4.98
CA VAL A 524 8.93 -5.52 -6.02
C VAL A 524 8.84 -6.91 -5.37
N GLU A 525 9.60 -7.08 -4.30
CA GLU A 525 9.81 -8.41 -3.72
C GLU A 525 8.54 -8.97 -3.11
N ILE A 526 7.76 -8.08 -2.48
CA ILE A 526 6.46 -8.44 -1.93
C ILE A 526 5.48 -8.79 -3.05
N MET A 527 5.51 -7.98 -4.11
CA MET A 527 4.55 -8.09 -5.20
C MET A 527 4.67 -9.41 -5.94
N GLN A 528 5.88 -9.97 -5.95
CA GLN A 528 6.14 -11.22 -6.67
C GLN A 528 5.30 -12.33 -6.05
N GLN A 529 4.75 -12.08 -4.87
CA GLN A 529 4.08 -13.10 -4.07
C GLN A 529 2.99 -13.75 -4.91
N GLY A 530 3.04 -15.08 -4.95
CA GLY A 530 2.01 -15.93 -5.54
C GLY A 530 1.57 -15.45 -6.92
N SER A 531 2.54 -14.92 -7.66
CA SER A 531 2.26 -14.05 -8.79
C SER A 531 2.42 -14.86 -10.06
N GLN A 532 1.57 -14.64 -11.06
CA GLN A 532 1.80 -15.33 -12.32
C GLN A 532 2.14 -14.30 -13.40
N LEU A 533 2.47 -13.10 -12.96
CA LEU A 533 2.93 -12.03 -13.86
C LEU A 533 4.26 -12.32 -14.54
N PRO A 534 4.37 -11.99 -15.84
CA PRO A 534 5.55 -12.27 -16.65
C PRO A 534 6.84 -11.64 -16.10
N CYS A 535 6.70 -10.54 -15.37
CA CYS A 535 7.84 -9.82 -14.79
C CYS A 535 8.55 -10.55 -13.64
N PHE A 536 7.89 -11.57 -13.10
CA PHE A 536 8.47 -12.41 -12.07
C PHE A 536 8.90 -13.77 -12.60
N HIS A 537 9.03 -13.87 -13.92
CA HIS A 537 9.28 -15.14 -14.60
C HIS A 537 10.59 -15.80 -14.21
N GLY A 538 11.60 -15.01 -13.86
CA GLY A 538 12.92 -15.59 -13.59
C GLY A 538 12.99 -16.29 -12.25
N SER A 539 14.10 -16.98 -11.99
CA SER A 539 14.34 -17.59 -10.70
C SER A 539 14.93 -16.56 -9.74
N SER A 540 15.50 -15.51 -10.32
CA SER A 540 16.28 -14.55 -9.55
C SER A 540 15.88 -13.12 -9.88
N THR A 541 14.58 -12.87 -9.97
CA THR A 541 14.09 -11.58 -10.44
C THR A 541 14.55 -10.54 -9.44
N ILE A 542 14.21 -10.78 -8.17
CA ILE A 542 14.56 -9.88 -7.09
C ILE A 542 16.07 -9.94 -6.88
N ARG A 543 16.63 -11.14 -7.05
CA ARG A 543 18.05 -11.34 -6.87
C ARG A 543 18.84 -10.56 -7.92
N ASN A 544 18.37 -10.59 -9.17
CA ASN A 544 19.01 -9.84 -10.24
C ASN A 544 18.87 -8.35 -10.01
N LEU A 545 17.69 -7.96 -9.53
CA LEU A 545 17.37 -6.57 -9.24
C LEU A 545 18.36 -5.97 -8.24
N LYS A 546 18.67 -6.74 -7.20
CA LYS A 546 19.60 -6.28 -6.17
C LYS A 546 21.01 -6.11 -6.74
N GLU A 547 21.41 -7.04 -7.60
CA GLU A 547 22.70 -6.98 -8.25
C GLU A 547 22.88 -5.70 -9.07
N ARG A 548 21.76 -5.22 -9.63
CA ARG A 548 21.78 -4.05 -10.51
C ARG A 548 22.01 -2.74 -9.77
N PHE A 549 21.87 -2.76 -8.45
CA PHE A 549 22.24 -1.59 -7.64
C PHE A 549 23.74 -1.50 -7.39
N HIS A 550 24.46 -2.60 -7.63
CA HIS A 550 25.91 -2.67 -7.42
C HIS A 550 26.34 -2.09 -6.07
N MET A 551 25.71 -2.56 -5.00
CA MET A 551 25.96 -2.03 -3.65
C MET A 551 27.42 -2.17 -3.21
N SER A 552 28.11 -3.17 -3.74
CA SER A 552 29.51 -3.40 -3.40
C SER A 552 30.48 -2.40 -4.04
N MET A 553 30.05 -1.75 -5.11
CA MET A 553 30.97 -0.95 -5.92
C MET A 553 31.41 0.34 -5.23
N THR A 554 32.65 0.75 -5.48
CA THR A 554 33.13 2.06 -5.09
C THR A 554 32.69 3.10 -6.12
N GLU A 555 32.67 4.37 -5.71
CA GLU A 555 32.19 5.44 -6.58
C GLU A 555 33.00 5.53 -7.87
N GLU A 556 34.31 5.37 -7.76
CA GLU A 556 35.17 5.30 -8.94
C GLU A 556 34.72 4.18 -9.88
N GLN A 557 34.32 3.06 -9.28
CA GLN A 557 33.80 1.93 -10.04
C GLN A 557 32.47 2.30 -10.69
N LEU A 558 31.69 3.13 -10.01
CA LEU A 558 30.36 3.48 -10.48
C LEU A 558 30.49 4.48 -11.64
N GLN A 559 31.45 5.39 -11.53
CA GLN A 559 31.75 6.31 -12.62
C GLN A 559 32.01 5.53 -13.91
N LEU A 560 32.82 4.48 -13.80
CA LEU A 560 33.14 3.65 -14.95
C LEU A 560 31.89 2.93 -15.47
N LEU A 561 31.09 2.42 -14.55
CA LEU A 561 29.87 1.70 -14.90
C LEU A 561 28.88 2.64 -15.59
N VAL A 562 28.82 3.88 -15.12
CA VAL A 562 27.97 4.89 -15.73
C VAL A 562 28.44 5.18 -17.14
N GLU A 563 29.76 5.29 -17.30
CA GLU A 563 30.38 5.52 -18.60
C GLU A 563 30.03 4.38 -19.54
N GLN A 564 30.16 3.16 -19.03
CA GLN A 564 29.89 1.94 -19.78
C GLN A 564 28.44 1.91 -20.22
N MET A 565 27.55 2.27 -19.29
CA MET A 565 26.12 2.38 -19.57
C MET A 565 25.84 3.30 -20.75
N VAL A 566 26.49 4.47 -20.75
CA VAL A 566 26.24 5.46 -21.79
C VAL A 566 26.74 4.98 -23.14
N ASP A 567 27.96 4.47 -23.17
CA ASP A 567 28.52 3.85 -24.38
C ASP A 567 27.59 2.80 -24.99
N GLY A 568 27.01 1.95 -24.16
CA GLY A 568 26.05 0.94 -24.60
C GLY A 568 24.80 1.52 -25.24
N SER A 569 24.35 2.65 -24.70
CA SER A 569 23.06 3.25 -25.08
C SER A 569 23.13 3.88 -26.47
N MET A 570 24.36 4.10 -26.93
CA MET A 570 24.65 4.76 -28.20
C MET A 570 24.81 3.82 -29.39
N ARG A 571 25.28 2.60 -29.15
CA ARG A 571 25.50 1.64 -30.23
C ARG A 571 24.26 1.44 -31.11
N SER A 572 23.09 1.53 -30.48
CA SER A 572 21.78 1.29 -31.11
C SER A 572 21.32 -0.15 -30.87
N ASP B 14 7.98 -15.97 54.85
CA ASP B 14 7.06 -16.34 55.92
C ASP B 14 6.06 -17.38 55.47
N TYR B 15 5.05 -16.95 54.71
CA TYR B 15 3.98 -17.83 54.27
C TYR B 15 4.36 -18.30 52.85
N LEU B 16 3.64 -19.28 52.30
CA LEU B 16 3.88 -19.69 50.91
C LEU B 16 2.64 -19.97 50.04
N PHE B 17 2.34 -19.10 49.08
CA PHE B 17 1.13 -19.28 48.28
C PHE B 17 1.46 -19.80 46.88
N LYS B 18 0.93 -20.99 46.55
CA LYS B 18 1.12 -21.59 45.23
C LYS B 18 0.00 -21.26 44.24
N VAL B 19 0.35 -20.65 43.12
CA VAL B 19 -0.62 -20.26 42.09
C VAL B 19 -0.24 -20.84 40.73
N VAL B 20 -1.22 -21.29 39.97
CA VAL B 20 -0.93 -21.82 38.63
C VAL B 20 -1.49 -20.91 37.55
N LEU B 21 -0.78 -20.84 36.43
CA LEU B 21 -1.28 -20.18 35.22
C LEU B 21 -1.63 -21.17 34.11
N ILE B 22 -2.88 -21.14 33.67
CA ILE B 22 -3.29 -22.01 32.58
C ILE B 22 -3.96 -21.19 31.49
N GLY B 23 -4.01 -21.73 30.28
CA GLY B 23 -4.63 -21.07 29.16
C GLY B 23 -4.07 -21.55 27.83
N ASP B 24 -4.70 -21.14 26.74
CA ASP B 24 -4.23 -21.50 25.41
C ASP B 24 -2.83 -20.98 25.12
N SER B 25 -2.15 -21.64 24.18
CA SER B 25 -0.80 -21.26 23.75
C SER B 25 -0.82 -19.91 23.04
N GLY B 26 0.06 -19.00 23.46
CA GLY B 26 0.17 -17.71 22.78
C GLY B 26 -0.44 -16.56 23.55
N VAL B 27 -1.18 -16.87 24.61
CA VAL B 27 -1.97 -15.88 25.32
C VAL B 27 -1.09 -14.95 26.17
N GLY B 28 0.12 -15.38 26.50
CA GLY B 28 1.06 -14.50 27.17
C GLY B 28 1.51 -14.91 28.56
N LYS B 29 1.33 -16.17 28.91
CA LYS B 29 1.68 -16.66 30.25
C LYS B 29 3.14 -16.39 30.61
N SER B 30 4.05 -16.71 29.68
CA SER B 30 5.49 -16.63 29.98
C SER B 30 5.97 -15.19 30.16
N ASN B 31 5.32 -14.25 29.47
CA ASN B 31 5.68 -12.84 29.60
C ASN B 31 5.01 -12.21 30.82
N LEU B 32 3.81 -12.68 31.14
CA LEU B 32 3.18 -12.36 32.42
C LEU B 32 4.16 -12.70 33.51
N LEU B 33 4.72 -13.91 33.43
CA LEU B 33 5.69 -14.39 34.39
C LEU B 33 6.96 -13.56 34.38
N SER B 34 7.44 -13.17 33.20
CA SER B 34 8.70 -12.45 33.13
C SER B 34 8.54 -10.99 33.55
N ARG B 35 7.37 -10.42 33.26
CA ARG B 35 7.07 -9.06 33.71
C ARG B 35 6.98 -9.04 35.22
N PHE B 36 6.13 -9.91 35.74
CA PHE B 36 5.83 -10.00 37.17
C PHE B 36 7.01 -10.44 38.02
N THR B 37 7.83 -11.35 37.50
CA THR B 37 8.92 -11.92 38.29
C THR B 37 10.31 -11.37 37.96
N ARG B 38 10.54 -10.96 36.72
CA ARG B 38 11.80 -10.30 36.40
C ARG B 38 11.74 -8.89 35.78
N ASN B 39 10.50 -8.41 35.66
CA ASN B 39 10.19 -7.09 35.10
C ASN B 39 10.89 -7.03 33.76
N GLU B 40 10.70 -8.06 32.95
CA GLU B 40 11.30 -8.10 31.62
C GLU B 40 10.32 -8.56 30.56
N PHE B 41 10.47 -8.07 29.34
CA PHE B 41 9.56 -8.48 28.27
C PHE B 41 10.38 -8.63 26.99
N ASN B 42 9.90 -9.47 26.08
CA ASN B 42 10.49 -9.56 24.75
C ASN B 42 9.49 -9.96 23.67
N LEU B 43 9.52 -9.27 22.55
CA LEU B 43 8.67 -9.62 21.40
C LEU B 43 9.14 -10.94 20.77
N GLU B 44 10.45 -11.11 20.63
CA GLU B 44 10.96 -12.36 20.11
C GLU B 44 10.84 -13.41 21.20
N SER B 45 10.48 -14.64 20.84
CA SER B 45 10.10 -15.63 21.84
C SER B 45 10.67 -17.02 21.59
N LYS B 46 11.44 -17.51 22.56
CA LYS B 46 11.87 -18.90 22.59
C LYS B 46 10.88 -19.69 23.45
N SER B 47 10.35 -20.77 22.90
CA SER B 47 9.29 -21.53 23.55
C SER B 47 9.71 -22.11 24.90
N THR B 48 8.77 -22.12 25.85
CA THR B 48 8.97 -22.81 27.11
C THR B 48 8.90 -24.32 26.88
N ILE B 49 9.97 -25.01 27.23
CA ILE B 49 10.03 -26.46 27.07
C ILE B 49 9.63 -27.21 28.34
N GLY B 50 8.40 -27.70 28.35
CA GLY B 50 7.89 -28.46 29.48
C GLY B 50 7.34 -27.62 30.62
N VAL B 51 8.20 -27.17 31.53
CA VAL B 51 7.69 -26.48 32.70
C VAL B 51 8.63 -25.45 33.34
N GLU B 52 8.02 -24.39 33.87
CA GLU B 52 8.70 -23.43 34.72
C GLU B 52 7.83 -23.16 35.94
N PHE B 53 8.44 -22.87 37.09
CA PHE B 53 7.82 -21.92 38.00
C PHE B 53 8.76 -20.73 38.17
N ALA B 54 8.27 -19.69 38.85
CA ALA B 54 9.11 -18.58 39.26
C ALA B 54 8.54 -17.97 40.52
N THR B 55 9.38 -17.28 41.29
CA THR B 55 8.96 -16.83 42.61
C THR B 55 9.38 -15.40 42.92
N ARG B 56 8.51 -14.73 43.67
CA ARG B 56 8.75 -13.39 44.19
C ARG B 56 7.87 -13.18 45.42
N SER B 57 8.41 -12.49 46.42
CA SER B 57 7.70 -12.28 47.68
C SER B 57 7.12 -10.87 47.77
N ILE B 58 5.89 -10.80 48.27
CA ILE B 58 5.22 -9.53 48.55
C ILE B 58 4.56 -9.55 49.92
N GLN B 59 4.06 -8.40 50.34
CA GLN B 59 3.29 -8.28 51.59
C GLN B 59 1.84 -7.89 51.39
N VAL B 60 0.96 -8.66 52.03
CA VAL B 60 -0.46 -8.35 52.10
C VAL B 60 -0.95 -8.37 53.55
N ASP B 61 -1.71 -7.34 53.91
CA ASP B 61 -2.24 -7.17 55.27
C ASP B 61 -1.22 -7.32 56.40
N GLY B 62 0.00 -6.82 56.19
CA GLY B 62 1.01 -6.79 57.22
C GLY B 62 1.88 -8.03 57.31
N LYS B 63 1.69 -8.94 56.35
CA LYS B 63 2.34 -10.24 56.39
C LYS B 63 3.21 -10.49 55.16
N THR B 64 4.43 -11.00 55.38
CA THR B 64 5.35 -11.30 54.29
C THR B 64 4.95 -12.62 53.64
N ILE B 65 4.49 -12.56 52.39
CA ILE B 65 4.17 -13.76 51.62
C ILE B 65 5.15 -14.03 50.47
N LYS B 66 5.19 -15.28 50.02
CA LYS B 66 5.95 -15.67 48.82
C LYS B 66 5.05 -16.41 47.84
N ALA B 67 4.96 -15.91 46.60
CA ALA B 67 4.09 -16.51 45.58
C ALA B 67 4.88 -17.43 44.63
N GLN B 68 4.29 -18.60 44.38
CA GLN B 68 4.81 -19.57 43.41
C GLN B 68 3.93 -19.75 42.16
N ILE B 69 4.42 -19.27 41.02
CA ILE B 69 3.66 -19.24 39.76
C ILE B 69 4.08 -20.41 38.85
N TRP B 70 3.10 -21.13 38.31
CA TRP B 70 3.34 -22.27 37.40
C TRP B 70 2.89 -22.04 35.94
N ASP B 71 3.93 -22.05 35.09
CA ASP B 71 3.95 -21.89 33.61
C ASP B 71 3.91 -23.17 32.77
N THR B 72 2.78 -23.47 32.15
CA THR B 72 2.70 -24.63 31.26
C THR B 72 3.12 -24.43 29.80
N ARG B 79 2.36 -29.15 25.90
CA ARG B 79 2.28 -30.61 25.83
C ARG B 79 1.16 -31.15 26.72
N ALA B 80 1.11 -32.48 26.83
CA ALA B 80 0.07 -33.13 27.62
C ALA B 80 0.13 -32.73 29.10
N ILE B 81 -1.05 -32.47 29.67
CA ILE B 81 -1.12 -31.90 31.01
C ILE B 81 -0.99 -32.98 32.09
N THR B 82 0.21 -33.12 32.62
CA THR B 82 0.45 -33.99 33.75
C THR B 82 -0.23 -33.30 34.90
N SER B 83 -0.57 -34.03 35.95
CA SER B 83 -1.41 -33.49 37.01
C SER B 83 -0.59 -32.84 38.09
N ALA B 84 0.69 -32.63 37.84
CA ALA B 84 1.49 -31.90 38.79
C ALA B 84 0.88 -30.52 38.83
N TYR B 85 0.51 -30.04 37.66
CA TYR B 85 -0.19 -28.78 37.57
C TYR B 85 -1.49 -29.03 38.29
N TYR B 86 -1.99 -28.01 38.96
CA TYR B 86 -3.25 -28.14 39.68
C TYR B 86 -3.04 -28.89 40.98
N ARG B 87 -1.77 -29.08 41.35
CA ARG B 87 -1.46 -29.69 42.62
C ARG B 87 -0.93 -28.62 43.54
N GLY B 88 -1.49 -28.53 44.73
CA GLY B 88 -1.09 -27.49 45.66
C GLY B 88 -1.29 -26.08 45.15
N ALA B 89 -2.42 -25.82 44.51
CA ALA B 89 -2.71 -24.47 44.09
C ALA B 89 -3.82 -23.87 44.93
N VAL B 90 -3.52 -22.81 45.65
CA VAL B 90 -4.56 -22.14 46.40
C VAL B 90 -5.37 -21.28 45.43
N GLY B 91 -4.68 -20.86 44.38
CA GLY B 91 -5.20 -19.96 43.36
C GLY B 91 -4.74 -20.30 41.96
N ALA B 92 -5.57 -19.97 40.96
CA ALA B 92 -5.19 -20.20 39.57
C ALA B 92 -5.64 -19.03 38.72
N LEU B 93 -4.68 -18.43 38.01
CA LEU B 93 -4.98 -17.41 37.00
C LEU B 93 -5.22 -18.00 35.62
N LEU B 94 -6.46 -17.89 35.15
CA LEU B 94 -6.85 -18.40 33.85
C LEU B 94 -6.82 -17.24 32.88
N VAL B 95 -5.91 -17.28 31.91
CA VAL B 95 -5.65 -16.11 31.09
C VAL B 95 -6.08 -16.32 29.64
N TYR B 96 -6.67 -15.28 29.05
CA TYR B 96 -6.97 -15.26 27.63
C TYR B 96 -6.49 -13.98 26.96
N ASP B 97 -6.30 -14.05 25.65
CA ASP B 97 -5.91 -12.89 24.87
C ASP B 97 -7.17 -12.15 24.37
N ILE B 98 -7.36 -10.95 24.87
CA ILE B 98 -8.48 -10.08 24.45
C ILE B 98 -8.58 -9.93 22.93
N ALA B 99 -7.45 -10.02 22.24
CA ALA B 99 -7.41 -9.79 20.80
C ALA B 99 -7.58 -11.06 19.98
N LYS B 100 -7.75 -12.20 20.66
CA LYS B 100 -7.98 -13.45 19.97
C LYS B 100 -9.18 -14.18 20.59
N HIS B 101 -10.34 -14.00 19.97
CA HIS B 101 -11.62 -14.44 20.52
C HIS B 101 -11.64 -15.91 20.95
N LEU B 102 -11.03 -16.78 20.14
CA LEU B 102 -11.01 -18.21 20.42
C LEU B 102 -10.49 -18.54 21.82
N THR B 103 -9.49 -17.79 22.25
CA THR B 103 -8.86 -17.98 23.55
C THR B 103 -9.84 -17.71 24.71
N TYR B 104 -10.76 -16.77 24.50
CA TYR B 104 -11.82 -16.51 25.45
C TYR B 104 -12.86 -17.63 25.40
N GLU B 105 -13.10 -18.14 24.20
CA GLU B 105 -14.08 -19.19 23.97
C GLU B 105 -13.72 -20.45 24.73
N ASN B 106 -12.43 -20.76 24.78
CA ASN B 106 -11.93 -21.96 25.43
C ASN B 106 -11.83 -21.87 26.95
N VAL B 107 -12.24 -20.73 27.52
CA VAL B 107 -12.20 -20.57 28.97
C VAL B 107 -13.18 -21.54 29.62
N GLU B 108 -14.19 -21.94 28.86
CA GLU B 108 -15.17 -22.92 29.33
C GLU B 108 -14.54 -24.30 29.42
N ARG B 109 -13.70 -24.64 28.45
CA ARG B 109 -13.03 -25.93 28.43
C ARG B 109 -11.90 -25.99 29.45
N TRP B 110 -11.35 -24.82 29.78
CA TRP B 110 -10.29 -24.71 30.78
C TRP B 110 -10.83 -24.84 32.18
N LEU B 111 -12.14 -24.67 32.34
CA LEU B 111 -12.74 -24.84 33.64
C LEU B 111 -13.25 -26.25 33.87
N LYS B 112 -13.64 -26.96 32.81
CA LYS B 112 -13.92 -28.38 32.98
C LYS B 112 -12.67 -29.18 33.35
N GLU B 113 -11.55 -28.84 32.68
CA GLU B 113 -10.22 -29.32 33.04
C GLU B 113 -9.88 -29.12 34.51
N LEU B 114 -9.86 -27.84 34.88
CA LEU B 114 -9.64 -27.37 36.23
C LEU B 114 -10.54 -27.98 37.30
N ARG B 115 -11.73 -28.47 36.92
CA ARG B 115 -12.58 -29.14 37.89
C ARG B 115 -12.28 -30.63 37.96
N ASP B 116 -11.85 -31.21 36.84
CA ASP B 116 -11.24 -32.53 36.81
C ASP B 116 -9.91 -32.71 37.55
N HIS B 117 -9.06 -31.70 37.54
CA HIS B 117 -7.71 -31.88 38.08
C HIS B 117 -7.31 -30.98 39.24
N ALA B 118 -8.25 -30.26 39.84
CA ALA B 118 -7.83 -29.30 40.85
C ALA B 118 -8.80 -29.11 42.01
N ASP B 119 -8.25 -28.56 43.08
CA ASP B 119 -8.93 -28.29 44.35
C ASP B 119 -10.26 -27.58 44.13
N SER B 120 -11.32 -28.06 44.78
CA SER B 120 -12.65 -27.47 44.57
C SER B 120 -12.90 -26.13 45.25
N ASN B 121 -11.93 -25.67 46.04
CA ASN B 121 -12.07 -24.38 46.73
C ASN B 121 -10.85 -23.53 46.40
N ILE B 122 -10.61 -23.38 45.10
CA ILE B 122 -9.45 -22.66 44.59
C ILE B 122 -9.85 -21.30 44.03
N VAL B 123 -8.96 -20.33 44.21
CA VAL B 123 -9.15 -18.97 43.71
C VAL B 123 -8.79 -18.79 42.25
N ILE B 124 -9.74 -18.28 41.48
CA ILE B 124 -9.56 -18.07 40.05
C ILE B 124 -9.72 -16.61 39.69
N MET B 125 -8.78 -16.10 38.90
CA MET B 125 -8.92 -14.81 38.27
C MET B 125 -8.99 -15.00 36.77
N LEU B 126 -10.01 -14.41 36.14
CA LEU B 126 -10.04 -14.41 34.69
C LEU B 126 -9.15 -13.26 34.22
N VAL B 127 -8.29 -13.51 33.26
CA VAL B 127 -7.37 -12.47 32.81
C VAL B 127 -7.40 -12.30 31.29
N GLY B 128 -7.77 -11.09 30.87
CA GLY B 128 -7.61 -10.68 29.49
C GLY B 128 -6.27 -9.99 29.30
N ASN B 129 -5.35 -10.65 28.59
CA ASN B 129 -4.03 -10.08 28.40
C ASN B 129 -3.91 -9.45 27.03
N LYS B 130 -2.92 -8.56 26.87
CA LYS B 130 -2.68 -7.84 25.63
C LYS B 130 -3.76 -6.77 25.44
N SER B 131 -4.04 -6.04 26.51
CA SER B 131 -5.04 -4.97 26.50
C SER B 131 -4.58 -3.77 25.69
N ASP B 132 -3.26 -3.71 25.47
CA ASP B 132 -2.64 -2.69 24.63
C ASP B 132 -3.07 -2.73 23.17
N LEU B 133 -3.45 -3.91 22.67
CA LEU B 133 -3.95 -4.01 21.30
C LEU B 133 -5.40 -3.54 21.18
N ARG B 134 -5.64 -2.27 21.51
CA ARG B 134 -6.98 -1.71 21.51
C ARG B 134 -7.73 -1.92 20.20
N HIS B 135 -7.09 -1.59 19.08
CA HIS B 135 -7.77 -1.60 17.78
C HIS B 135 -8.01 -3.02 17.26
N LEU B 136 -7.35 -4.00 17.86
CA LEU B 136 -7.52 -5.38 17.42
C LEU B 136 -8.40 -6.19 18.38
N ARG B 137 -8.96 -5.51 19.37
CA ARG B 137 -9.75 -6.16 20.42
C ARG B 137 -10.89 -7.01 19.88
N ALA B 138 -10.95 -8.28 20.29
CA ALA B 138 -12.00 -9.18 19.81
C ALA B 138 -12.88 -9.68 20.94
N VAL B 139 -12.59 -9.26 22.18
CA VAL B 139 -13.37 -9.66 23.33
C VAL B 139 -13.65 -8.48 24.26
N PRO B 140 -14.92 -8.03 24.32
CA PRO B 140 -15.29 -6.86 25.14
C PRO B 140 -15.24 -7.12 26.64
N THR B 141 -14.75 -6.14 27.39
CA THR B 141 -14.59 -6.27 28.84
C THR B 141 -15.91 -6.62 29.54
N ASP B 142 -16.99 -6.06 29.02
CA ASP B 142 -18.32 -6.30 29.58
C ASP B 142 -18.77 -7.73 29.39
N GLU B 143 -18.61 -8.26 28.18
CA GLU B 143 -18.97 -9.65 27.92
C GLU B 143 -18.20 -10.54 28.88
N ALA B 144 -16.93 -10.20 29.09
CA ALA B 144 -16.07 -11.00 29.96
C ALA B 144 -16.53 -10.87 31.40
N ARG B 145 -16.65 -9.64 31.87
CA ARG B 145 -17.05 -9.36 33.25
C ARG B 145 -18.46 -9.84 33.57
N ALA B 146 -19.33 -9.85 32.54
CA ALA B 146 -20.65 -10.45 32.69
C ALA B 146 -20.48 -11.92 33.03
N PHE B 147 -19.76 -12.65 32.18
CA PHE B 147 -19.43 -14.03 32.45
C PHE B 147 -18.66 -14.16 33.76
N ALA B 148 -17.86 -13.14 34.07
CA ALA B 148 -17.01 -13.18 35.25
C ALA B 148 -17.82 -13.30 36.54
N GLU B 149 -18.81 -12.43 36.72
CA GLU B 149 -19.59 -12.41 37.94
C GLU B 149 -20.84 -13.28 37.84
N LYS B 150 -21.20 -13.63 36.60
CA LYS B 150 -22.17 -14.70 36.34
C LYS B 150 -21.67 -16.03 36.89
N ASN B 151 -20.35 -16.17 36.95
CA ASN B 151 -19.72 -17.38 37.46
C ASN B 151 -19.03 -17.08 38.79
N GLY B 152 -18.13 -17.96 39.21
CA GLY B 152 -17.36 -17.70 40.42
C GLY B 152 -15.91 -17.33 40.22
N LEU B 153 -15.63 -16.52 39.20
CA LEU B 153 -14.26 -16.11 38.92
C LEU B 153 -14.11 -14.61 39.16
N SER B 154 -12.94 -14.20 39.65
CA SER B 154 -12.58 -12.79 39.70
C SER B 154 -12.03 -12.37 38.34
N PHE B 155 -12.12 -11.08 38.02
CA PHE B 155 -11.89 -10.66 36.64
C PHE B 155 -11.08 -9.37 36.55
N ILE B 156 -10.20 -9.31 35.56
CA ILE B 156 -9.37 -8.14 35.29
C ILE B 156 -8.76 -8.21 33.89
N GLU B 157 -8.39 -7.07 33.35
CA GLU B 157 -7.66 -7.05 32.08
C GLU B 157 -6.27 -6.49 32.31
N THR B 158 -5.29 -7.18 31.73
CA THR B 158 -3.88 -6.82 31.85
C THR B 158 -3.25 -6.62 30.48
N SER B 159 -2.11 -5.96 30.46
CA SER B 159 -1.21 -5.99 29.30
C SER B 159 0.18 -6.38 29.74
N ALA B 160 0.58 -7.60 29.38
CA ALA B 160 1.95 -8.08 29.55
C ALA B 160 3.08 -7.30 28.83
N LEU B 161 2.80 -6.72 27.67
CA LEU B 161 3.87 -6.05 26.92
C LEU B 161 4.38 -4.85 27.69
N ASP B 162 3.49 -3.93 28.02
CA ASP B 162 3.88 -2.75 28.80
C ASP B 162 3.67 -3.18 30.25
N SER B 163 4.47 -2.71 31.18
CA SER B 163 4.20 -3.06 32.58
C SER B 163 2.90 -2.38 33.05
N THR B 164 1.75 -2.92 32.62
CA THR B 164 0.47 -2.48 33.17
C THR B 164 -0.34 -3.59 33.83
N ASN B 165 -0.67 -3.37 35.11
CA ASN B 165 -1.59 -4.22 35.87
C ASN B 165 -1.05 -5.62 36.11
N VAL B 166 0.20 -5.85 35.73
CA VAL B 166 0.78 -7.18 35.87
C VAL B 166 1.01 -7.41 37.36
N GLU B 167 1.67 -6.44 37.98
CA GLU B 167 1.87 -6.39 39.41
C GLU B 167 0.53 -6.41 40.14
N ALA B 168 -0.37 -5.53 39.72
CA ALA B 168 -1.69 -5.40 40.31
C ALA B 168 -2.38 -6.76 40.35
N ALA B 169 -2.28 -7.50 39.25
CA ALA B 169 -2.98 -8.76 39.10
C ALA B 169 -2.59 -9.74 40.20
N PHE B 170 -1.28 -9.98 40.33
CA PHE B 170 -0.76 -10.83 41.40
C PHE B 170 -1.15 -10.34 42.79
N GLN B 171 -0.89 -9.06 43.06
CA GLN B 171 -1.13 -8.53 44.39
C GLN B 171 -2.60 -8.62 44.75
N THR B 172 -3.45 -8.49 43.73
CA THR B 172 -4.89 -8.69 43.90
C THR B 172 -5.21 -10.12 44.34
N ILE B 173 -4.74 -11.10 43.57
CA ILE B 173 -5.08 -12.50 43.82
C ILE B 173 -4.48 -12.95 45.17
N LEU B 174 -3.31 -12.42 45.49
CA LEU B 174 -2.62 -12.76 46.73
C LEU B 174 -3.30 -12.20 47.97
N THR B 175 -3.81 -10.98 47.87
CA THR B 175 -4.57 -10.38 48.96
C THR B 175 -5.85 -11.18 49.20
N GLU B 176 -6.57 -11.43 48.12
CA GLU B 176 -7.77 -12.25 48.13
C GLU B 176 -7.59 -13.60 48.81
N ILE B 177 -6.49 -14.27 48.48
CA ILE B 177 -6.14 -15.56 49.09
C ILE B 177 -5.97 -15.64 50.62
N TYR B 178 -5.12 -14.81 51.20
CA TYR B 178 -4.83 -14.89 52.65
C TYR B 178 -6.13 -14.80 53.48
N ARG B 179 -7.19 -14.27 52.86
CA ARG B 179 -8.51 -14.17 53.47
C ARG B 179 -9.22 -15.50 53.72
N ILE B 180 -8.53 -16.61 53.50
CA ILE B 180 -9.12 -17.92 53.76
C ILE B 180 -8.72 -18.46 55.13
N VAL B 181 -8.64 -17.57 56.11
CA VAL B 181 -8.14 -17.92 57.43
C VAL B 181 -9.07 -18.91 58.13
#